data_7LO1
#
_entry.id   7LO1
#
_cell.length_a   83.542
_cell.length_b   96.969
_cell.length_c   116.341
_cell.angle_alpha   90.000
_cell.angle_beta   90.000
_cell.angle_gamma   90.000
#
_symmetry.space_group_name_H-M   'P 21 21 21'
#
loop_
_entity.id
_entity.type
_entity.pdbx_description
1 polymer 'FAD-dependent monooxygenase afoD'
2 non-polymer 'FLAVIN-ADENINE DINUCLEOTIDE'
3 non-polymer 'SULFATE ION'
4 water water
#
_entity_poly.entity_id   1
_entity_poly.type   'polypeptide(L)'
_entity_poly.pdbx_seq_one_letter_code
;MADHEQEQEPLSIAIIGGGIIGLMTALGLLHRNIGKVTIYERASAWPDIGAAFAFTGIARECMQRLDPAILSALSKVAQR
NPHDKVRYWDGFHPKSKEEAQDPEKSVLFEIEEKNMAYWACLRGVFHAEMARLLPERVVRFGKRLVAYEDGGDQKVVLRF
EDGEVEEADIVIACDGVHSTARRVLLGAEHPAANARYSRKAVYRALVPMPAAIDALGTEKAHVQIAHCGPDAHIVSFPVN
NAQIYNVFLFTHDSNEWTHGHTMTVPSSKEEILSAVENWGPHIKELASLFPEQLSKYAIFDQADHPLPYYAAGRVALAGD
AAHASSPFHGAGACMGVEDALVLAELLEKVQNGSAFKEKKSNIELALKTYSDVRIERSQWLVKSSREMGDLYEWRYEDIG
GDGVKCKAEWERRSRVIWDFDVQGMVDQAREAYERAVVKV
;
_entity_poly.pdbx_strand_id   A,B
#
# COMPACT_ATOMS: atom_id res chain seq x y z
N PRO A 10 12.33 22.69 -23.49
CA PRO A 10 11.52 21.47 -23.24
C PRO A 10 12.34 20.18 -23.30
N LEU A 11 12.51 19.51 -22.15
CA LEU A 11 13.36 18.34 -22.01
C LEU A 11 13.18 17.40 -23.20
N SER A 12 14.28 17.10 -23.85
CA SER A 12 14.30 16.10 -24.92
C SER A 12 14.56 14.74 -24.26
N ILE A 13 13.64 13.79 -24.45
CA ILE A 13 13.69 12.47 -23.82
C ILE A 13 13.70 11.42 -24.91
N ALA A 14 14.73 10.59 -24.92
CA ALA A 14 14.86 9.56 -25.92
C ALA A 14 14.68 8.22 -25.24
N ILE A 15 13.82 7.39 -25.78
CA ILE A 15 13.56 6.06 -25.26
C ILE A 15 14.10 5.09 -26.31
N ILE A 16 15.00 4.20 -25.89
CA ILE A 16 15.59 3.25 -26.81
C ILE A 16 14.84 1.93 -26.77
N GLY A 17 14.23 1.58 -27.89
CA GLY A 17 13.49 0.34 -28.00
C GLY A 17 12.02 0.57 -27.69
N GLY A 18 11.14 0.15 -28.60
CA GLY A 18 9.72 0.31 -28.40
C GLY A 18 9.02 -0.98 -28.04
N GLY A 19 9.51 -1.65 -27.02
CA GLY A 19 8.90 -2.85 -26.51
C GLY A 19 7.84 -2.50 -25.50
N ILE A 20 7.47 -3.49 -24.70
CA ILE A 20 6.39 -3.28 -23.74
C ILE A 20 6.74 -2.16 -22.77
N ILE A 21 7.98 -2.19 -22.22
CA ILE A 21 8.35 -1.20 -21.21
C ILE A 21 8.58 0.18 -21.82
N GLY A 22 9.16 0.26 -23.02
CA GLY A 22 9.33 1.59 -23.63
C GLY A 22 8.00 2.26 -23.94
N LEU A 23 7.03 1.49 -24.44
CA LEU A 23 5.68 2.02 -24.64
C LEU A 23 5.12 2.54 -23.34
N MET A 24 5.23 1.73 -22.29
CA MET A 24 4.66 2.15 -21.03
C MET A 24 5.35 3.38 -20.51
N THR A 25 6.68 3.45 -20.68
CA THR A 25 7.43 4.62 -20.22
C THR A 25 7.03 5.86 -21.02
N ALA A 26 6.98 5.75 -22.35
CA ALA A 26 6.52 6.88 -23.16
C ALA A 26 5.12 7.32 -22.75
N LEU A 27 4.17 6.37 -22.66
CA LEU A 27 2.79 6.75 -22.32
C LEU A 27 2.71 7.41 -20.95
N GLY A 28 3.52 6.96 -19.99
CA GLY A 28 3.51 7.60 -18.68
C GLY A 28 4.00 9.05 -18.74
N LEU A 29 5.02 9.30 -19.55
CA LEU A 29 5.55 10.66 -19.62
C LEU A 29 4.60 11.56 -20.41
N LEU A 30 4.01 11.03 -21.47
CA LEU A 30 3.03 11.81 -22.25
C LEU A 30 1.82 12.14 -21.39
N HIS A 31 1.30 11.14 -20.69
CA HIS A 31 0.16 11.37 -19.82
C HIS A 31 0.41 12.57 -18.92
N ARG A 32 1.67 12.80 -18.52
CA ARG A 32 2.01 13.89 -17.62
C ARG A 32 2.49 15.13 -18.36
N ASN A 33 2.45 15.14 -19.69
CA ASN A 33 2.98 16.28 -20.47
C ASN A 33 4.46 16.60 -20.16
N ILE A 34 5.30 15.58 -20.04
CA ILE A 34 6.70 15.77 -19.67
C ILE A 34 7.56 15.89 -20.92
N GLY A 35 8.12 17.07 -21.14
CA GLY A 35 9.08 17.25 -22.21
C GLY A 35 8.57 16.82 -23.56
N LYS A 36 9.50 16.37 -24.39
CA LYS A 36 9.22 15.87 -25.72
C LYS A 36 9.87 14.49 -25.85
N VAL A 37 9.08 13.51 -26.23
CA VAL A 37 9.42 12.10 -26.06
C VAL A 37 9.54 11.47 -27.43
N THR A 38 10.67 10.81 -27.67
CA THR A 38 10.86 10.09 -28.91
C THR A 38 11.28 8.67 -28.58
N ILE A 39 10.80 7.71 -29.36
CA ILE A 39 11.16 6.32 -29.21
C ILE A 39 11.95 5.96 -30.45
N TYR A 40 13.17 5.46 -30.26
CA TYR A 40 13.98 4.99 -31.37
C TYR A 40 13.95 3.46 -31.37
N GLU A 41 13.39 2.90 -32.41
CA GLU A 41 13.16 1.47 -32.51
C GLU A 41 14.00 0.91 -33.64
N ARG A 42 14.76 -0.16 -33.37
CA ARG A 42 15.71 -0.64 -34.37
C ARG A 42 14.99 -1.19 -35.59
N ALA A 43 13.91 -1.92 -35.37
CA ALA A 43 13.24 -2.62 -36.45
C ALA A 43 12.55 -1.62 -37.35
N SER A 44 12.38 -1.99 -38.62
CA SER A 44 11.71 -1.09 -39.56
C SER A 44 10.22 -1.03 -39.27
N ALA A 45 9.64 -2.10 -38.72
CA ALA A 45 8.25 -2.15 -38.26
C ALA A 45 8.21 -2.97 -36.96
N TRP A 46 7.04 -3.07 -36.35
CA TRP A 46 6.93 -3.73 -35.04
C TRP A 46 7.35 -5.19 -35.16
N PRO A 47 8.33 -5.66 -34.38
CA PRO A 47 8.71 -7.08 -34.43
C PRO A 47 7.57 -7.98 -34.00
N ASP A 48 7.36 -9.06 -34.78
CA ASP A 48 6.34 -10.04 -34.51
C ASP A 48 6.90 -11.05 -33.50
N ILE A 49 6.46 -10.93 -32.26
CA ILE A 49 6.95 -11.74 -31.15
C ILE A 49 5.77 -12.46 -30.54
N GLY A 50 5.73 -13.79 -30.71
CA GLY A 50 4.73 -14.62 -30.09
C GLY A 50 5.14 -14.98 -28.67
N ALA A 51 4.35 -14.51 -27.71
CA ALA A 51 4.67 -14.63 -26.30
C ALA A 51 3.40 -14.45 -25.49
N ALA A 52 3.31 -15.16 -24.37
CA ALA A 52 2.19 -15.10 -23.45
C ALA A 52 2.66 -14.62 -22.08
N PHE A 53 1.92 -13.67 -21.52
CA PHE A 53 2.26 -12.89 -20.35
C PHE A 53 1.19 -13.07 -19.27
N ALA A 54 1.60 -13.01 -18.01
CA ALA A 54 0.68 -12.87 -16.90
C ALA A 54 1.08 -11.65 -16.09
N PHE A 55 0.17 -10.68 -15.97
CA PHE A 55 0.40 -9.50 -15.15
C PHE A 55 -0.31 -9.67 -13.83
N THR A 56 0.42 -9.29 -12.76
CA THR A 56 -0.10 -9.24 -11.40
C THR A 56 -1.01 -8.04 -11.15
N GLY A 57 -1.76 -8.14 -10.04
CA GLY A 57 -2.53 -6.99 -9.57
C GLY A 57 -1.65 -5.78 -9.28
N ILE A 58 -0.49 -6.00 -8.68
CA ILE A 58 0.42 -4.88 -8.41
C ILE A 58 0.86 -4.24 -9.71
N ALA A 59 1.21 -5.06 -10.72
CA ALA A 59 1.64 -4.45 -11.99
C ALA A 59 0.53 -3.57 -12.54
N ARG A 60 -0.73 -4.03 -12.42
CA ARG A 60 -1.85 -3.29 -12.97
C ARG A 60 -2.14 -2.01 -12.17
N GLU A 61 -1.91 -2.02 -10.86
CA GLU A 61 -1.97 -0.76 -10.11
C GLU A 61 -1.03 0.25 -10.76
N CYS A 62 0.20 -0.20 -11.07
CA CYS A 62 1.20 0.71 -11.65
C CYS A 62 0.77 1.16 -13.03
N MET A 63 0.22 0.25 -13.82
CA MET A 63 -0.30 0.65 -15.13
C MET A 63 -1.29 1.80 -14.98
N GLN A 64 -2.20 1.66 -14.03
CA GLN A 64 -3.27 2.64 -13.85
C GLN A 64 -2.68 4.00 -13.50
N ARG A 65 -1.63 4.02 -12.69
CA ARG A 65 -0.97 5.28 -12.36
C ARG A 65 -0.13 5.86 -13.49
N LEU A 66 0.27 5.06 -14.48
CA LEU A 66 1.07 5.58 -15.60
C LEU A 66 0.19 6.28 -16.62
N ASP A 67 -0.92 5.63 -16.99
CA ASP A 67 -1.95 6.13 -17.89
C ASP A 67 -3.11 5.15 -17.83
N PRO A 68 -4.26 5.52 -17.23
CA PRO A 68 -5.39 4.58 -17.13
C PRO A 68 -5.71 3.87 -18.43
N ALA A 69 -5.44 4.52 -19.57
CA ALA A 69 -5.74 3.88 -20.85
C ALA A 69 -4.91 2.61 -21.08
N ILE A 70 -3.72 2.51 -20.47
CA ILE A 70 -2.96 1.27 -20.51
C ILE A 70 -3.76 0.13 -19.87
N LEU A 71 -4.31 0.38 -18.68
CA LEU A 71 -5.07 -0.69 -18.00
C LEU A 71 -6.35 -0.97 -18.76
N SER A 72 -6.99 0.07 -19.30
N SER A 72 -6.99 0.07 -19.31
CA SER A 72 -8.17 -0.20 -20.12
CA SER A 72 -8.17 -0.17 -20.12
C SER A 72 -7.79 -1.04 -21.31
C SER A 72 -7.81 -1.01 -21.34
N ALA A 73 -6.61 -0.79 -21.89
CA ALA A 73 -6.19 -1.59 -23.04
C ALA A 73 -5.94 -3.05 -22.62
N LEU A 74 -5.31 -3.26 -21.47
CA LEU A 74 -5.09 -4.62 -21.00
C LEU A 74 -6.40 -5.34 -20.75
N SER A 75 -7.36 -4.68 -20.11
CA SER A 75 -8.58 -5.35 -19.68
C SER A 75 -9.44 -5.86 -20.83
N LYS A 76 -9.27 -5.32 -22.02
CA LYS A 76 -10.02 -5.76 -23.19
C LYS A 76 -9.37 -6.90 -23.93
N VAL A 77 -8.09 -7.17 -23.70
CA VAL A 77 -7.41 -8.30 -24.36
C VAL A 77 -7.02 -9.41 -23.38
N ALA A 78 -7.23 -9.22 -22.10
CA ALA A 78 -6.74 -10.15 -21.09
C ALA A 78 -7.82 -11.14 -20.69
N GLN A 79 -7.37 -12.30 -20.24
CA GLN A 79 -8.19 -13.37 -19.72
C GLN A 79 -7.67 -13.74 -18.34
N ARG A 80 -8.58 -14.02 -17.43
CA ARG A 80 -8.24 -14.45 -16.10
C ARG A 80 -8.65 -15.91 -15.90
N ASN A 81 -7.89 -16.63 -15.11
CA ASN A 81 -8.21 -18.04 -14.80
C ASN A 81 -9.51 -18.09 -14.02
N PRO A 82 -10.55 -18.78 -14.49
CA PRO A 82 -11.81 -18.84 -13.70
C PRO A 82 -11.66 -19.49 -12.33
N HIS A 83 -10.65 -20.34 -12.15
CA HIS A 83 -10.36 -20.96 -10.87
C HIS A 83 -9.20 -20.25 -10.17
N ASP A 84 -9.39 -19.89 -8.92
CA ASP A 84 -8.30 -19.30 -8.14
C ASP A 84 -7.21 -20.34 -7.83
N LYS A 85 -7.62 -21.58 -7.55
CA LYS A 85 -6.69 -22.62 -7.09
C LYS A 85 -6.06 -23.33 -8.27
N VAL A 86 -4.76 -23.58 -8.17
CA VAL A 86 -4.02 -24.35 -9.16
C VAL A 86 -3.36 -25.52 -8.43
N ARG A 87 -3.59 -26.72 -8.93
CA ARG A 87 -3.03 -27.93 -8.35
C ARG A 87 -1.75 -28.30 -9.09
N TYR A 88 -0.71 -28.56 -8.33
CA TYR A 88 0.57 -29.03 -8.86
C TYR A 88 0.62 -30.54 -8.68
N TRP A 89 0.56 -31.25 -9.79
CA TRP A 89 0.50 -32.72 -9.82
C TRP A 89 1.90 -33.28 -10.06
N ASP A 90 2.13 -34.52 -9.58
CA ASP A 90 3.37 -35.25 -9.81
C ASP A 90 3.27 -35.93 -11.18
N GLY A 91 4.00 -35.43 -12.16
CA GLY A 91 4.03 -36.04 -13.48
C GLY A 91 4.99 -37.18 -13.64
N PHE A 92 5.86 -37.38 -12.67
CA PHE A 92 6.99 -38.30 -12.77
C PHE A 92 6.68 -39.65 -12.16
N HIS A 93 6.18 -39.69 -10.93
CA HIS A 93 6.06 -40.92 -10.16
C HIS A 93 4.89 -41.78 -10.60
N PRO A 94 3.74 -41.22 -11.01
CA PRO A 94 2.59 -42.09 -11.33
C PRO A 94 2.97 -43.15 -12.35
N LYS A 95 2.46 -44.36 -12.12
CA LYS A 95 2.77 -45.52 -12.94
C LYS A 95 1.60 -45.97 -13.78
N SER A 96 0.41 -45.42 -13.52
CA SER A 96 -0.81 -45.73 -14.25
C SER A 96 -1.59 -44.45 -14.45
N LYS A 97 -2.42 -44.42 -15.49
CA LYS A 97 -3.29 -43.27 -15.68
C LYS A 97 -4.21 -43.07 -14.47
N GLU A 98 -4.66 -44.16 -13.83
CA GLU A 98 -5.60 -43.99 -12.72
C GLU A 98 -4.92 -43.41 -11.49
N GLU A 99 -3.72 -43.89 -11.16
CA GLU A 99 -2.94 -43.24 -10.11
C GLU A 99 -2.70 -41.77 -10.44
N ALA A 100 -2.37 -41.47 -11.71
CA ALA A 100 -1.98 -40.12 -12.11
C ALA A 100 -3.11 -39.12 -11.94
N GLN A 101 -4.37 -39.57 -12.08
CA GLN A 101 -5.53 -38.71 -11.94
C GLN A 101 -6.05 -38.68 -10.51
N ASP A 102 -5.59 -39.59 -9.67
CA ASP A 102 -6.09 -39.68 -8.31
C ASP A 102 -5.56 -38.50 -7.50
N PRO A 103 -6.38 -37.51 -7.16
CA PRO A 103 -5.84 -36.37 -6.41
C PRO A 103 -5.28 -36.75 -5.06
N GLU A 104 -5.79 -37.82 -4.45
CA GLU A 104 -5.29 -38.22 -3.14
C GLU A 104 -3.86 -38.73 -3.19
N LYS A 105 -3.40 -39.25 -4.34
CA LYS A 105 -2.06 -39.81 -4.45
C LYS A 105 -1.06 -38.93 -5.20
N SER A 106 -1.55 -38.17 -6.20
CA SER A 106 -0.68 -37.54 -7.17
C SER A 106 -0.68 -36.02 -7.15
N VAL A 107 -1.33 -35.39 -6.18
CA VAL A 107 -1.32 -33.94 -6.02
C VAL A 107 -0.23 -33.60 -5.01
N LEU A 108 0.79 -32.86 -5.46
CA LEU A 108 1.89 -32.46 -4.59
C LEU A 108 1.48 -31.31 -3.69
N PHE A 109 0.73 -30.36 -4.22
CA PHE A 109 0.26 -29.24 -3.43
C PHE A 109 -0.68 -28.40 -4.29
N GLU A 110 -1.34 -27.47 -3.63
CA GLU A 110 -2.36 -26.63 -4.25
C GLU A 110 -2.04 -25.19 -3.93
N ILE A 111 -2.01 -24.35 -4.96
CA ILE A 111 -1.68 -22.95 -4.78
C ILE A 111 -2.94 -22.13 -4.98
N GLU A 112 -3.19 -21.21 -4.07
CA GLU A 112 -4.24 -20.24 -4.19
C GLU A 112 -3.65 -18.93 -4.70
N GLU A 113 -4.00 -18.59 -5.95
CA GLU A 113 -3.41 -17.47 -6.65
C GLU A 113 -4.19 -16.18 -6.53
N LYS A 114 -5.16 -16.09 -5.62
CA LYS A 114 -6.03 -14.91 -5.65
C LYS A 114 -5.25 -13.64 -5.36
N ASN A 115 -4.18 -13.71 -4.56
CA ASN A 115 -3.46 -12.49 -4.22
C ASN A 115 -2.61 -11.99 -5.37
N MET A 116 -1.99 -12.89 -6.14
CA MET A 116 -1.27 -12.47 -7.33
C MET A 116 -2.23 -11.88 -8.36
N ALA A 117 -3.41 -12.46 -8.49
CA ALA A 117 -4.48 -11.94 -9.36
C ALA A 117 -4.00 -11.80 -10.81
N TYR A 118 -3.53 -12.90 -11.37
CA TYR A 118 -2.97 -12.85 -12.71
C TYR A 118 -4.04 -12.52 -13.75
N TRP A 119 -3.67 -11.67 -14.71
CA TRP A 119 -4.39 -11.55 -15.96
C TRP A 119 -3.43 -11.99 -17.07
N ALA A 120 -3.85 -12.93 -17.91
CA ALA A 120 -3.05 -13.45 -19.00
C ALA A 120 -3.44 -12.76 -20.28
N CYS A 121 -2.43 -12.43 -21.10
CA CYS A 121 -2.67 -11.87 -22.43
C CYS A 121 -1.49 -12.23 -23.33
N LEU A 122 -1.69 -12.04 -24.63
CA LEU A 122 -0.63 -12.18 -25.62
C LEU A 122 0.09 -10.86 -25.80
N ARG A 123 1.42 -10.93 -25.84
CA ARG A 123 2.24 -9.73 -25.94
C ARG A 123 1.85 -8.91 -27.17
N GLY A 124 1.62 -9.58 -28.30
CA GLY A 124 1.36 -8.84 -29.53
C GLY A 124 0.11 -7.98 -29.47
N VAL A 125 -1.00 -8.55 -29.01
N VAL A 125 -0.99 -8.55 -29.00
CA VAL A 125 -2.24 -7.75 -29.04
CA VAL A 125 -2.24 -7.79 -29.02
C VAL A 125 -2.17 -6.66 -27.98
C VAL A 125 -2.18 -6.67 -27.99
N PHE A 126 -1.55 -6.93 -26.83
CA PHE A 126 -1.42 -5.88 -25.82
C PHE A 126 -0.52 -4.77 -26.31
N HIS A 127 0.60 -5.15 -26.92
CA HIS A 127 1.53 -4.17 -27.44
C HIS A 127 0.87 -3.26 -28.45
N ALA A 128 0.09 -3.83 -29.37
CA ALA A 128 -0.65 -3.06 -30.37
C ALA A 128 -1.65 -2.11 -29.73
N GLU A 129 -2.36 -2.55 -28.69
CA GLU A 129 -3.31 -1.65 -28.05
C GLU A 129 -2.62 -0.46 -27.38
N MET A 130 -1.38 -0.64 -26.93
CA MET A 130 -0.67 0.53 -26.39
C MET A 130 -0.10 1.40 -27.51
N ALA A 131 0.41 0.79 -28.58
CA ALA A 131 0.99 1.53 -29.70
C ALA A 131 0.04 2.59 -30.25
N ARG A 132 -1.24 2.22 -30.41
CA ARG A 132 -2.21 3.16 -30.92
C ARG A 132 -2.50 4.26 -29.93
N LEU A 133 -2.00 4.18 -28.67
CA LEU A 133 -2.18 5.30 -27.74
C LEU A 133 -1.16 6.39 -27.93
N LEU A 134 -0.08 6.11 -28.69
CA LEU A 134 0.94 7.11 -28.86
C LEU A 134 0.59 8.02 -30.02
N PRO A 135 0.95 9.29 -29.93
CA PRO A 135 0.91 10.16 -31.13
C PRO A 135 1.85 9.60 -32.18
N GLU A 136 1.47 9.77 -33.44
CA GLU A 136 2.26 9.28 -34.56
C GLU A 136 3.71 9.78 -34.52
N ARG A 137 3.93 11.00 -34.06
CA ARG A 137 5.29 11.53 -34.10
C ARG A 137 6.24 10.83 -33.13
N VAL A 138 5.79 9.92 -32.28
CA VAL A 138 6.68 9.46 -31.21
C VAL A 138 7.68 8.42 -31.72
N VAL A 139 7.20 7.42 -32.47
CA VAL A 139 8.02 6.27 -32.84
C VAL A 139 8.78 6.53 -34.12
N ARG A 140 10.09 6.29 -34.10
CA ARG A 140 10.95 6.40 -35.28
C ARG A 140 11.57 5.03 -35.53
N PHE A 141 11.09 4.35 -36.56
CA PHE A 141 11.59 3.02 -36.89
C PHE A 141 12.95 3.09 -37.58
N GLY A 142 13.55 1.92 -37.78
CA GLY A 142 14.86 1.84 -38.42
C GLY A 142 15.94 2.61 -37.70
N LYS A 143 15.84 2.76 -36.40
CA LYS A 143 16.81 3.48 -35.59
C LYS A 143 17.41 2.51 -34.60
N ARG A 144 18.48 1.84 -35.01
CA ARG A 144 19.21 0.94 -34.14
C ARG A 144 20.35 1.70 -33.48
N LEU A 145 20.23 1.94 -32.17
CA LEU A 145 21.30 2.60 -31.44
C LEU A 145 22.52 1.68 -31.38
N VAL A 146 23.68 2.25 -31.69
CA VAL A 146 24.94 1.52 -31.64
C VAL A 146 25.97 2.18 -30.74
N ALA A 147 25.82 3.43 -30.39
CA ALA A 147 26.72 3.97 -29.37
C ALA A 147 26.15 5.30 -28.92
N TYR A 148 26.81 5.91 -27.94
CA TYR A 148 26.41 7.22 -27.51
C TYR A 148 27.56 7.83 -26.72
N GLU A 149 27.49 9.13 -26.58
CA GLU A 149 28.49 9.91 -25.85
C GLU A 149 27.73 10.78 -24.87
N ASP A 150 28.04 10.65 -23.59
CA ASP A 150 27.33 11.37 -22.53
C ASP A 150 28.36 12.07 -21.65
N GLY A 151 28.39 13.38 -21.72
CA GLY A 151 29.37 14.12 -20.95
C GLY A 151 29.41 15.57 -21.39
N GLY A 152 30.18 16.34 -20.63
CA GLY A 152 30.28 17.75 -20.91
C GLY A 152 28.95 18.40 -20.62
N ASP A 153 28.88 19.67 -20.96
CA ASP A 153 27.69 20.49 -20.69
C ASP A 153 26.87 20.65 -21.97
N GLN A 154 26.45 19.50 -22.51
CA GLN A 154 25.65 19.44 -23.72
C GLN A 154 24.90 18.11 -23.72
N LYS A 155 23.89 18.03 -24.56
CA LYS A 155 23.06 16.85 -24.66
C LYS A 155 23.85 15.57 -24.88
N VAL A 156 23.20 14.44 -24.63
CA VAL A 156 23.72 13.15 -25.02
C VAL A 156 23.71 13.04 -26.54
N VAL A 157 24.76 12.48 -27.11
CA VAL A 157 24.80 12.27 -28.55
C VAL A 157 24.54 10.81 -28.82
N LEU A 158 23.51 10.52 -29.59
CA LEU A 158 23.12 9.16 -29.93
C LEU A 158 23.56 8.88 -31.37
N ARG A 159 24.11 7.68 -31.59
CA ARG A 159 24.55 7.26 -32.92
C ARG A 159 23.85 5.98 -33.29
N PHE A 160 23.24 5.97 -34.46
CA PHE A 160 22.48 4.84 -34.97
C PHE A 160 23.22 4.18 -36.12
N GLU A 161 22.87 2.91 -36.37
CA GLU A 161 23.52 2.10 -37.39
C GLU A 161 23.34 2.68 -38.79
N ASP A 162 22.31 3.47 -39.03
CA ASP A 162 22.11 4.07 -40.35
C ASP A 162 22.92 5.35 -40.56
N GLY A 163 23.89 5.66 -39.70
CA GLY A 163 24.70 6.85 -39.87
C GLY A 163 24.12 8.12 -39.28
N GLU A 164 22.84 8.12 -38.95
CA GLU A 164 22.22 9.30 -38.38
C GLU A 164 22.67 9.51 -36.94
N VAL A 165 22.59 10.75 -36.49
CA VAL A 165 22.94 11.13 -35.13
C VAL A 165 21.83 12.01 -34.58
N GLU A 166 21.40 11.75 -33.35
CA GLU A 166 20.41 12.58 -32.65
C GLU A 166 20.96 12.95 -31.28
N GLU A 167 20.28 13.87 -30.61
CA GLU A 167 20.65 14.31 -29.28
C GLU A 167 19.44 14.24 -28.35
N ALA A 168 19.72 14.19 -27.05
CA ALA A 168 18.70 14.10 -26.02
C ALA A 168 19.28 14.56 -24.70
N ASP A 169 18.42 15.15 -23.87
CA ASP A 169 18.81 15.47 -22.50
C ASP A 169 18.80 14.25 -21.59
N ILE A 170 17.96 13.25 -21.90
CA ILE A 170 17.69 12.09 -21.05
C ILE A 170 17.57 10.89 -21.96
N VAL A 171 18.26 9.80 -21.63
CA VAL A 171 18.10 8.55 -22.37
C VAL A 171 17.59 7.48 -21.41
N ILE A 172 16.52 6.79 -21.81
CA ILE A 172 15.98 5.66 -21.05
C ILE A 172 16.02 4.49 -22.03
N ALA A 173 16.83 3.50 -21.74
CA ALA A 173 17.02 2.37 -22.61
C ALA A 173 16.10 1.23 -22.14
N CYS A 174 15.17 0.89 -23.00
CA CYS A 174 14.24 -0.21 -22.85
C CYS A 174 14.44 -1.16 -24.01
N ASP A 175 15.71 -1.46 -24.32
CA ASP A 175 16.05 -2.25 -25.50
C ASP A 175 16.25 -3.75 -25.22
N GLY A 176 15.72 -4.25 -24.12
CA GLY A 176 15.48 -5.70 -24.00
C GLY A 176 16.59 -6.46 -23.32
N VAL A 177 16.44 -7.80 -23.35
CA VAL A 177 17.32 -8.67 -22.57
C VAL A 177 18.79 -8.52 -23.06
N HIS A 178 18.98 -8.42 -24.36
CA HIS A 178 20.31 -8.20 -24.98
C HIS A 178 20.63 -6.75 -25.23
N SER A 179 20.21 -5.87 -24.33
CA SER A 179 20.37 -4.43 -24.45
C SER A 179 21.74 -4.04 -24.99
N THR A 180 21.73 -3.22 -26.06
CA THR A 180 22.92 -2.57 -26.55
C THR A 180 23.36 -1.46 -25.60
N ALA A 181 22.41 -0.69 -25.10
CA ALA A 181 22.76 0.39 -24.21
C ALA A 181 23.41 -0.13 -22.94
N ARG A 182 22.98 -1.32 -22.45
CA ARG A 182 23.62 -1.88 -21.26
C ARG A 182 25.12 -2.15 -21.49
N ARG A 183 25.49 -2.61 -22.69
CA ARG A 183 26.89 -2.90 -22.96
C ARG A 183 27.69 -1.63 -23.17
N VAL A 184 27.11 -0.61 -23.81
CA VAL A 184 27.80 0.67 -23.91
C VAL A 184 28.04 1.21 -22.51
N LEU A 185 27.06 1.01 -21.62
CA LEU A 185 27.13 1.68 -20.32
C LEU A 185 28.16 1.04 -19.41
N LEU A 186 28.29 -0.29 -19.43
CA LEU A 186 29.17 -1.01 -18.52
C LEU A 186 30.49 -1.40 -19.16
N GLY A 187 30.48 -1.55 -20.50
CA GLY A 187 31.56 -2.13 -21.25
C GLY A 187 31.21 -3.52 -21.74
N ALA A 188 31.47 -3.83 -22.99
CA ALA A 188 31.18 -5.12 -23.59
C ALA A 188 31.79 -6.31 -22.87
N GLU A 189 32.74 -6.11 -21.98
CA GLU A 189 33.36 -7.19 -21.24
C GLU A 189 33.05 -7.14 -19.75
N HIS A 190 32.23 -6.17 -19.31
CA HIS A 190 31.73 -6.20 -17.94
C HIS A 190 31.02 -7.53 -17.73
N PRO A 191 31.20 -8.19 -16.58
CA PRO A 191 30.46 -9.45 -16.34
C PRO A 191 28.96 -9.34 -16.50
N ALA A 192 28.38 -8.17 -16.20
CA ALA A 192 26.94 -7.93 -16.30
C ALA A 192 26.49 -7.44 -17.67
N ALA A 193 27.42 -7.26 -18.59
CA ALA A 193 27.07 -6.72 -19.91
C ALA A 193 26.13 -7.63 -20.67
N ASN A 194 26.25 -8.94 -20.49
CA ASN A 194 25.44 -9.88 -21.23
C ASN A 194 24.58 -10.74 -20.29
N ALA A 195 23.29 -10.75 -20.57
CA ALA A 195 22.43 -11.74 -19.94
C ALA A 195 22.89 -13.13 -20.36
N ARG A 196 22.62 -14.11 -19.50
CA ARG A 196 23.06 -15.48 -19.73
C ARG A 196 21.88 -16.47 -19.68
N TYR A 197 22.04 -17.55 -20.45
CA TYR A 197 21.12 -18.67 -20.43
C TYR A 197 20.94 -19.12 -19.00
N SER A 198 19.66 -19.26 -18.62
CA SER A 198 19.26 -19.72 -17.31
C SER A 198 19.23 -21.23 -17.22
N ARG A 199 19.37 -21.94 -18.34
CA ARG A 199 19.32 -23.38 -18.46
C ARG A 199 17.89 -23.91 -18.52
N LYS A 200 16.87 -23.06 -18.51
CA LYS A 200 15.49 -23.50 -18.72
C LYS A 200 15.11 -23.09 -20.13
N ALA A 201 14.48 -23.99 -20.86
CA ALA A 201 13.96 -23.75 -22.19
C ALA A 201 12.54 -24.23 -22.17
N VAL A 202 11.70 -23.64 -23.02
CA VAL A 202 10.28 -23.92 -23.01
C VAL A 202 9.85 -24.24 -24.43
N TYR A 203 8.96 -25.24 -24.53
CA TYR A 203 8.30 -25.65 -25.76
C TYR A 203 6.80 -25.52 -25.56
N ARG A 204 6.10 -25.00 -26.57
CA ARG A 204 4.67 -24.73 -26.46
C ARG A 204 3.96 -25.43 -27.60
N ALA A 205 2.71 -25.80 -27.36
CA ALA A 205 2.01 -26.62 -28.34
C ALA A 205 0.53 -26.42 -28.13
N LEU A 206 -0.21 -26.53 -29.22
CA LEU A 206 -1.66 -26.55 -29.21
C LEU A 206 -2.08 -27.96 -29.58
N VAL A 207 -2.96 -28.55 -28.78
CA VAL A 207 -3.38 -29.94 -28.99
C VAL A 207 -4.87 -30.04 -28.75
N PRO A 208 -5.52 -30.98 -29.43
CA PRO A 208 -6.98 -31.05 -29.42
C PRO A 208 -7.51 -31.54 -28.09
N MET A 209 -8.54 -30.87 -27.60
CA MET A 209 -9.08 -31.17 -26.27
C MET A 209 -9.38 -32.65 -26.05
N PRO A 210 -10.03 -33.37 -26.98
CA PRO A 210 -10.29 -34.80 -26.71
C PRO A 210 -9.02 -35.61 -26.49
N ALA A 211 -7.93 -35.24 -27.17
CA ALA A 211 -6.67 -35.94 -26.94
C ALA A 211 -6.13 -35.63 -25.55
N ALA A 212 -6.31 -34.39 -25.10
CA ALA A 212 -5.90 -34.03 -23.75
C ALA A 212 -6.74 -34.79 -22.74
N ILE A 213 -8.04 -34.84 -22.96
CA ILE A 213 -8.92 -35.60 -22.07
C ILE A 213 -8.46 -37.06 -22.00
N ASP A 214 -8.17 -37.68 -23.15
CA ASP A 214 -7.71 -39.06 -23.10
C ASP A 214 -6.47 -39.20 -22.21
N ALA A 215 -5.51 -38.27 -22.35
CA ALA A 215 -4.21 -38.39 -21.68
C ALA A 215 -4.30 -38.09 -20.19
N LEU A 216 -5.08 -37.05 -19.82
CA LEU A 216 -5.12 -36.53 -18.46
C LEU A 216 -6.41 -36.86 -17.70
N GLY A 217 -7.44 -37.34 -18.38
CA GLY A 217 -8.73 -37.41 -17.75
C GLY A 217 -9.43 -36.07 -17.82
N THR A 218 -10.76 -36.09 -17.81
CA THR A 218 -11.54 -34.90 -18.10
C THR A 218 -11.41 -33.87 -16.98
N GLU A 219 -11.33 -34.31 -15.72
CA GLU A 219 -11.29 -33.35 -14.62
C GLU A 219 -10.00 -32.53 -14.65
N LYS A 220 -8.85 -33.16 -14.97
CA LYS A 220 -7.61 -32.39 -15.02
C LYS A 220 -7.58 -31.49 -16.25
N ALA A 221 -7.98 -32.01 -17.42
CA ALA A 221 -7.87 -31.29 -18.69
C ALA A 221 -8.74 -30.05 -18.76
N HIS A 222 -9.81 -29.95 -17.97
CA HIS A 222 -10.72 -28.81 -18.07
C HIS A 222 -10.37 -27.68 -17.12
N VAL A 223 -9.21 -27.72 -16.47
CA VAL A 223 -8.79 -26.63 -15.61
C VAL A 223 -7.29 -26.47 -15.74
N GLN A 224 -6.82 -25.30 -15.28
CA GLN A 224 -5.39 -25.01 -15.31
C GLN A 224 -4.66 -25.82 -14.25
N ILE A 225 -3.61 -26.54 -14.66
CA ILE A 225 -2.84 -27.43 -13.80
C ILE A 225 -1.35 -27.27 -14.09
N ALA A 226 -0.55 -27.88 -13.21
CA ALA A 226 0.89 -28.01 -13.42
C ALA A 226 1.31 -29.43 -13.07
N HIS A 227 2.33 -29.92 -13.77
CA HIS A 227 2.99 -31.18 -13.47
C HIS A 227 4.46 -30.92 -13.22
N CYS A 228 4.92 -31.39 -12.07
CA CYS A 228 6.29 -31.26 -11.61
C CYS A 228 7.00 -32.60 -11.69
N GLY A 229 8.31 -32.51 -11.79
CA GLY A 229 9.15 -33.69 -11.93
C GLY A 229 10.62 -33.30 -12.02
N PRO A 230 11.52 -34.29 -12.08
CA PRO A 230 12.96 -34.00 -12.14
C PRO A 230 13.31 -33.31 -13.44
N ASP A 231 13.83 -32.09 -13.34
CA ASP A 231 14.40 -31.33 -14.45
C ASP A 231 13.37 -30.93 -15.51
N ALA A 232 12.08 -30.93 -15.20
CA ALA A 232 11.06 -30.48 -16.15
C ALA A 232 9.79 -30.16 -15.37
N HIS A 233 8.96 -29.26 -15.90
CA HIS A 233 7.60 -29.09 -15.41
C HIS A 233 6.73 -28.57 -16.52
N ILE A 234 5.43 -28.80 -16.38
CA ILE A 234 4.47 -28.59 -17.45
C ILE A 234 3.32 -27.76 -16.91
N VAL A 235 2.95 -26.72 -17.64
CA VAL A 235 1.77 -25.93 -17.38
C VAL A 235 0.83 -26.11 -18.57
N SER A 236 -0.44 -26.41 -18.29
CA SER A 236 -1.36 -26.75 -19.37
C SER A 236 -2.79 -26.43 -18.93
N PHE A 237 -3.62 -26.07 -19.92
CA PHE A 237 -4.96 -25.54 -19.60
C PHE A 237 -5.82 -25.51 -20.85
N PRO A 238 -7.13 -25.67 -20.70
CA PRO A 238 -8.04 -25.50 -21.84
C PRO A 238 -8.04 -24.07 -22.33
N VAL A 239 -8.18 -23.92 -23.64
CA VAL A 239 -8.05 -22.63 -24.29
C VAL A 239 -9.41 -22.14 -24.73
N ASN A 240 -9.69 -20.86 -24.47
CA ASN A 240 -10.93 -20.18 -24.82
C ASN A 240 -12.12 -21.03 -24.39
N ASN A 241 -12.87 -21.56 -25.36
CA ASN A 241 -14.12 -22.25 -25.09
C ASN A 241 -13.95 -23.76 -24.89
N ALA A 242 -12.71 -24.23 -24.75
CA ALA A 242 -12.36 -25.60 -24.40
C ALA A 242 -12.30 -26.58 -25.57
N GLN A 243 -12.37 -26.05 -26.80
CA GLN A 243 -12.13 -26.86 -27.99
C GLN A 243 -10.66 -27.24 -28.17
N ILE A 244 -9.75 -26.61 -27.42
CA ILE A 244 -8.31 -26.83 -27.63
C ILE A 244 -7.57 -26.67 -26.31
N TYR A 245 -6.40 -27.32 -26.23
CA TYR A 245 -5.62 -27.45 -25.00
C TYR A 245 -4.19 -26.95 -25.20
N ASN A 246 -3.78 -25.91 -24.44
CA ASN A 246 -2.43 -25.38 -24.57
C ASN A 246 -1.45 -26.02 -23.55
N VAL A 247 -0.28 -26.42 -24.03
CA VAL A 247 0.73 -27.09 -23.24
C VAL A 247 2.02 -26.26 -23.28
N PHE A 248 2.55 -25.93 -22.10
CA PHE A 248 3.83 -25.25 -21.93
C PHE A 248 4.80 -26.20 -21.21
N LEU A 249 5.76 -26.72 -21.95
CA LEU A 249 6.70 -27.69 -21.38
C LEU A 249 8.06 -27.02 -21.13
N PHE A 250 8.40 -26.89 -19.86
CA PHE A 250 9.69 -26.35 -19.42
C PHE A 250 10.66 -27.49 -19.12
N THR A 251 11.93 -27.29 -19.53
CA THR A 251 12.95 -28.32 -19.32
C THR A 251 14.27 -27.70 -18.89
N HIS A 252 14.97 -28.40 -18.01
CA HIS A 252 16.32 -28.02 -17.66
C HIS A 252 17.30 -28.56 -18.70
N ASP A 253 18.33 -27.78 -18.96
CA ASP A 253 19.37 -28.11 -19.94
C ASP A 253 20.63 -28.38 -19.15
N SER A 254 21.19 -29.56 -19.30
CA SER A 254 22.51 -29.83 -18.73
C SER A 254 23.62 -29.39 -19.68
N ASN A 255 23.25 -28.78 -20.81
CA ASN A 255 24.18 -28.20 -21.78
C ASN A 255 24.10 -26.68 -21.75
N GLU A 256 25.24 -26.05 -21.99
CA GLU A 256 25.24 -24.61 -22.20
C GLU A 256 24.69 -24.29 -23.59
N TRP A 257 24.19 -23.05 -23.73
CA TRP A 257 23.62 -22.60 -24.98
C TRP A 257 24.70 -22.53 -26.05
N THR A 258 24.42 -23.14 -27.21
CA THR A 258 25.35 -23.15 -28.34
C THR A 258 25.05 -22.09 -29.39
N HIS A 259 23.94 -21.41 -29.29
CA HIS A 259 23.60 -20.32 -30.20
C HIS A 259 23.96 -19.02 -29.50
N GLY A 260 23.57 -17.91 -30.06
CA GLY A 260 24.26 -16.74 -29.57
C GLY A 260 23.48 -16.09 -28.46
N HIS A 261 23.13 -14.86 -28.74
CA HIS A 261 21.96 -14.21 -28.21
C HIS A 261 20.70 -14.69 -28.90
N THR A 262 20.80 -15.63 -29.83
CA THR A 262 19.60 -16.19 -30.46
C THR A 262 18.79 -16.99 -29.47
N MET A 263 17.49 -16.68 -29.36
CA MET A 263 16.68 -17.26 -28.29
C MET A 263 15.65 -18.25 -28.77
N THR A 264 15.23 -18.20 -30.03
CA THR A 264 14.27 -19.16 -30.55
C THR A 264 14.95 -19.91 -31.67
N VAL A 265 15.13 -21.21 -31.50
CA VAL A 265 15.80 -22.09 -32.45
C VAL A 265 14.83 -23.21 -32.80
N PRO A 266 14.96 -23.83 -33.97
CA PRO A 266 14.08 -24.95 -34.31
C PRO A 266 14.54 -26.18 -33.57
N SER A 267 13.57 -27.02 -33.24
CA SER A 267 13.85 -28.27 -32.56
C SER A 267 12.87 -29.31 -33.05
N SER A 268 13.23 -30.58 -32.86
CA SER A 268 12.38 -31.70 -33.20
C SER A 268 11.66 -32.20 -31.96
N LYS A 269 10.45 -32.73 -32.18
CA LYS A 269 9.64 -33.25 -31.10
C LYS A 269 10.39 -34.24 -30.22
N GLU A 270 11.50 -34.78 -30.67
CA GLU A 270 12.14 -35.86 -29.93
C GLU A 270 13.03 -35.37 -28.80
N GLU A 271 13.35 -34.07 -28.75
CA GLU A 271 13.93 -33.52 -27.52
C GLU A 271 12.92 -33.59 -26.38
N ILE A 272 11.65 -33.31 -26.68
CA ILE A 272 10.56 -33.39 -25.72
C ILE A 272 10.43 -34.81 -25.18
N LEU A 273 10.27 -35.79 -26.08
CA LEU A 273 10.00 -37.15 -25.62
C LEU A 273 11.12 -37.65 -24.72
N SER A 274 12.38 -37.34 -25.05
CA SER A 274 13.45 -37.85 -24.20
C SER A 274 13.48 -37.13 -22.87
N ALA A 275 12.99 -35.88 -22.83
CA ALA A 275 12.87 -35.19 -21.56
C ALA A 275 11.90 -35.91 -20.61
N VAL A 276 10.75 -36.34 -21.12
CA VAL A 276 9.78 -37.00 -20.23
C VAL A 276 9.81 -38.51 -20.44
N GLU A 277 11.01 -39.03 -20.76
CA GLU A 277 11.19 -40.44 -21.04
C GLU A 277 10.72 -41.33 -19.90
N ASN A 278 10.98 -40.94 -18.65
CA ASN A 278 10.70 -41.81 -17.53
C ASN A 278 9.50 -41.33 -16.69
N TRP A 279 8.65 -40.47 -17.26
CA TRP A 279 7.52 -39.90 -16.53
C TRP A 279 6.29 -40.81 -16.64
N GLY A 280 5.27 -40.50 -15.86
CA GLY A 280 4.05 -41.25 -15.90
C GLY A 280 3.52 -41.40 -17.32
N PRO A 281 2.71 -42.43 -17.53
CA PRO A 281 2.13 -42.65 -18.86
C PRO A 281 1.30 -41.48 -19.35
N HIS A 282 0.71 -40.72 -18.44
CA HIS A 282 -0.14 -39.61 -18.87
C HIS A 282 0.67 -38.46 -19.45
N ILE A 283 1.90 -38.28 -18.99
CA ILE A 283 2.70 -37.19 -19.53
C ILE A 283 3.35 -37.63 -20.84
N LYS A 284 3.79 -38.88 -20.89
CA LYS A 284 4.32 -39.42 -22.15
C LYS A 284 3.28 -39.29 -23.26
N GLU A 285 2.03 -39.66 -22.97
CA GLU A 285 0.99 -39.58 -23.98
C GLU A 285 0.73 -38.14 -24.37
N LEU A 286 0.70 -37.23 -23.40
CA LEU A 286 0.51 -35.82 -23.72
C LEU A 286 1.65 -35.29 -24.59
N ALA A 287 2.89 -35.61 -24.22
CA ALA A 287 4.03 -35.14 -25.00
C ALA A 287 3.96 -35.63 -26.44
N SER A 288 3.34 -36.80 -26.67
CA SER A 288 3.23 -37.32 -28.03
C SER A 288 2.41 -36.41 -28.93
N LEU A 289 1.37 -35.78 -28.39
CA LEU A 289 0.49 -34.91 -29.17
C LEU A 289 1.21 -33.69 -29.74
N PHE A 290 2.51 -33.56 -29.50
CA PHE A 290 3.22 -32.36 -29.95
C PHE A 290 3.54 -32.45 -31.45
N PRO A 291 3.51 -31.31 -32.15
CA PRO A 291 3.97 -31.29 -33.56
C PRO A 291 5.36 -31.86 -33.66
N GLU A 292 5.83 -32.27 -34.85
CA GLU A 292 7.17 -32.84 -34.92
C GLU A 292 8.27 -31.82 -35.14
N GLN A 293 7.93 -30.63 -35.63
CA GLN A 293 8.84 -29.49 -35.66
C GLN A 293 8.24 -28.44 -34.74
N LEU A 294 9.07 -27.84 -33.90
CA LEU A 294 8.57 -26.83 -32.98
C LEU A 294 9.73 -25.94 -32.56
N SER A 295 9.38 -24.76 -32.07
CA SER A 295 10.37 -23.74 -31.75
C SER A 295 10.66 -23.77 -30.24
N LYS A 296 11.92 -24.07 -29.91
CA LYS A 296 12.41 -24.00 -28.53
C LYS A 296 12.81 -22.57 -28.18
N TYR A 297 12.34 -22.08 -27.03
CA TYR A 297 12.63 -20.73 -26.55
C TYR A 297 13.54 -20.80 -25.33
N ALA A 298 14.74 -20.19 -25.45
CA ALA A 298 15.67 -20.17 -24.33
C ALA A 298 15.33 -19.03 -23.40
N ILE A 299 15.32 -19.31 -22.10
CA ILE A 299 15.06 -18.28 -21.10
C ILE A 299 16.39 -17.71 -20.65
N PHE A 300 16.69 -16.46 -21.07
CA PHE A 300 17.85 -15.74 -20.60
C PHE A 300 17.45 -14.84 -19.43
N ASP A 301 18.37 -14.67 -18.47
CA ASP A 301 18.12 -13.72 -17.40
C ASP A 301 19.44 -13.16 -16.90
N GLN A 302 19.30 -12.32 -15.88
CA GLN A 302 20.41 -11.56 -15.31
C GLN A 302 20.69 -12.03 -13.90
N ALA A 303 20.43 -13.32 -13.62
CA ALA A 303 20.61 -13.84 -12.26
C ALA A 303 22.09 -14.02 -11.90
N ASP A 304 22.92 -14.44 -12.85
CA ASP A 304 24.31 -14.81 -12.47
C ASP A 304 25.16 -13.59 -12.15
N HIS A 305 24.96 -12.46 -12.86
CA HIS A 305 25.72 -11.24 -12.62
C HIS A 305 24.79 -10.06 -12.63
N PRO A 306 24.16 -9.77 -11.51
CA PRO A 306 23.27 -8.60 -11.47
C PRO A 306 24.06 -7.32 -11.69
N LEU A 307 23.39 -6.31 -12.26
CA LEU A 307 24.02 -5.07 -12.61
C LEU A 307 24.42 -4.31 -11.34
N PRO A 308 25.54 -3.58 -11.37
CA PRO A 308 25.92 -2.79 -10.20
C PRO A 308 25.02 -1.59 -9.99
N TYR A 309 24.31 -1.16 -11.03
CA TYR A 309 23.45 0.02 -11.00
C TYR A 309 22.67 0.01 -12.32
N TYR A 310 21.63 0.83 -12.38
CA TYR A 310 20.73 0.94 -13.51
C TYR A 310 20.92 2.24 -14.28
N ALA A 311 21.74 3.15 -13.77
CA ALA A 311 21.87 4.47 -14.38
C ALA A 311 23.29 4.99 -14.17
N ALA A 312 23.77 5.79 -15.13
CA ALA A 312 24.98 6.60 -14.98
C ALA A 312 24.82 7.87 -15.83
N GLY A 313 25.27 8.99 -15.29
CA GLY A 313 24.99 10.27 -15.93
C GLY A 313 23.53 10.38 -16.33
N ARG A 314 23.28 10.64 -17.62
CA ARG A 314 21.96 10.90 -18.16
C ARG A 314 21.34 9.68 -18.88
N VAL A 315 21.80 8.46 -18.55
CA VAL A 315 21.31 7.24 -19.18
C VAL A 315 20.82 6.30 -18.08
N ALA A 316 19.65 5.70 -18.29
CA ALA A 316 19.03 4.76 -17.35
C ALA A 316 18.55 3.57 -18.14
N LEU A 317 18.61 2.39 -17.51
CA LEU A 317 18.11 1.18 -18.10
C LEU A 317 16.82 0.78 -17.36
N ALA A 318 15.84 0.28 -18.11
CA ALA A 318 14.57 -0.15 -17.53
C ALA A 318 14.10 -1.38 -18.29
N GLY A 319 13.22 -2.14 -17.62
CA GLY A 319 12.76 -3.38 -18.20
C GLY A 319 13.83 -4.46 -18.20
N ASP A 320 13.74 -5.33 -19.20
CA ASP A 320 14.66 -6.45 -19.36
C ASP A 320 16.11 -6.00 -19.59
N ALA A 321 16.32 -4.76 -20.04
CA ALA A 321 17.68 -4.22 -20.14
C ALA A 321 18.35 -4.12 -18.78
N ALA A 322 17.57 -3.92 -17.71
CA ALA A 322 18.11 -3.77 -16.36
C ALA A 322 18.04 -5.04 -15.51
N HIS A 323 16.98 -5.85 -15.65
CA HIS A 323 16.75 -6.98 -14.77
C HIS A 323 15.93 -8.06 -15.50
N ALA A 324 16.47 -8.59 -16.58
CA ALA A 324 15.75 -9.65 -17.28
C ALA A 324 15.59 -10.83 -16.33
N SER A 325 14.44 -11.45 -16.38
CA SER A 325 14.04 -12.39 -15.35
C SER A 325 13.39 -13.61 -15.98
N SER A 326 13.47 -14.71 -15.27
CA SER A 326 12.64 -15.87 -15.58
C SER A 326 11.16 -15.56 -15.32
N PRO A 327 10.26 -16.28 -15.97
CA PRO A 327 8.83 -16.01 -15.80
C PRO A 327 8.07 -16.69 -14.66
N PHE A 328 8.73 -17.22 -13.64
CA PHE A 328 8.04 -18.08 -12.66
C PHE A 328 7.39 -17.32 -11.51
N HIS A 329 7.45 -15.99 -11.46
CA HIS A 329 6.56 -15.17 -10.63
C HIS A 329 5.64 -14.24 -11.44
N GLY A 330 5.29 -14.63 -12.66
CA GLY A 330 4.66 -13.69 -13.59
C GLY A 330 5.67 -13.01 -14.51
N ALA A 331 5.15 -12.28 -15.48
CA ALA A 331 6.02 -11.72 -16.52
C ALA A 331 7.20 -10.96 -15.94
N GLY A 332 8.35 -11.05 -16.61
CA GLY A 332 9.43 -10.14 -16.29
C GLY A 332 9.04 -8.69 -16.49
N ALA A 333 8.10 -8.44 -17.42
CA ALA A 333 7.60 -7.08 -17.64
C ALA A 333 6.96 -6.49 -16.39
N CYS A 334 6.50 -7.34 -15.45
CA CYS A 334 5.89 -6.81 -14.23
C CYS A 334 6.83 -5.84 -13.53
N MET A 335 8.13 -6.18 -13.42
CA MET A 335 9.07 -5.28 -12.76
C MET A 335 9.35 -4.06 -13.62
N GLY A 336 9.28 -4.21 -14.95
CA GLY A 336 9.45 -3.05 -15.82
C GLY A 336 8.37 -2.01 -15.67
N VAL A 337 7.13 -2.44 -15.34
CA VAL A 337 6.04 -1.48 -15.14
C VAL A 337 6.35 -0.62 -13.92
N GLU A 338 6.89 -1.21 -12.86
CA GLU A 338 7.29 -0.45 -11.69
C GLU A 338 8.41 0.53 -12.06
N ASP A 339 9.37 0.10 -12.91
CA ASP A 339 10.41 1.03 -13.37
C ASP A 339 9.79 2.25 -14.07
N ALA A 340 8.84 2.00 -14.98
CA ALA A 340 8.30 3.10 -15.78
C ALA A 340 7.60 4.11 -14.88
N LEU A 341 6.89 3.62 -13.86
CA LEU A 341 6.17 4.51 -12.96
C LEU A 341 7.14 5.36 -12.17
N VAL A 342 8.17 4.76 -11.59
CA VAL A 342 9.17 5.53 -10.86
C VAL A 342 9.80 6.59 -11.78
N LEU A 343 10.09 6.21 -13.01
CA LEU A 343 10.78 7.14 -13.90
C LEU A 343 9.87 8.30 -14.27
N ALA A 344 8.60 8.03 -14.56
CA ALA A 344 7.66 9.10 -14.84
C ALA A 344 7.52 10.02 -13.65
N GLU A 345 7.41 9.46 -12.45
CA GLU A 345 7.21 10.32 -11.29
C GLU A 345 8.45 11.14 -10.99
N LEU A 346 9.64 10.62 -11.26
CA LEU A 346 10.85 11.40 -10.98
C LEU A 346 11.10 12.46 -12.06
N LEU A 347 10.85 12.14 -13.33
CA LEU A 347 11.11 13.14 -14.37
C LEU A 347 10.10 14.28 -14.29
N GLU A 348 8.90 14.02 -13.77
CA GLU A 348 7.98 15.11 -13.49
C GLU A 348 8.58 16.13 -12.53
N LYS A 349 9.29 15.65 -11.52
CA LYS A 349 9.95 16.54 -10.59
C LYS A 349 11.02 17.36 -11.28
N VAL A 350 11.78 16.73 -12.17
CA VAL A 350 12.81 17.46 -12.89
C VAL A 350 12.21 18.61 -13.68
N GLN A 351 11.06 18.36 -14.32
CA GLN A 351 10.46 19.38 -15.16
C GLN A 351 9.85 20.51 -14.33
N ASN A 352 9.25 20.17 -13.18
CA ASN A 352 8.67 21.16 -12.28
C ASN A 352 9.61 21.65 -11.18
N LYS A 359 20.10 21.74 -14.05
CA LYS A 359 19.27 20.85 -14.85
C LYS A 359 19.91 19.51 -15.11
N LYS A 360 21.11 19.62 -15.70
CA LYS A 360 21.92 18.45 -15.98
C LYS A 360 22.12 17.66 -14.70
N SER A 361 22.45 18.35 -13.60
CA SER A 361 22.65 17.64 -12.34
C SER A 361 21.32 17.16 -11.77
N ASN A 362 20.22 17.85 -12.10
CA ASN A 362 18.89 17.40 -11.73
C ASN A 362 18.54 16.10 -12.47
N ILE A 363 18.71 16.08 -13.79
CA ILE A 363 18.53 14.85 -14.56
C ILE A 363 19.36 13.72 -13.96
N GLU A 364 20.64 13.97 -13.69
CA GLU A 364 21.52 12.91 -13.18
C GLU A 364 21.00 12.37 -11.85
N LEU A 365 20.58 13.27 -10.98
CA LEU A 365 20.10 12.85 -9.66
C LEU A 365 18.82 12.04 -9.78
N ALA A 366 17.90 12.45 -10.65
CA ALA A 366 16.68 11.70 -10.86
C ALA A 366 16.94 10.25 -11.25
N LEU A 367 17.80 10.03 -12.25
CA LEU A 367 18.07 8.68 -12.73
C LEU A 367 18.85 7.86 -11.70
N LYS A 368 19.75 8.50 -10.94
CA LYS A 368 20.43 7.81 -9.85
C LYS A 368 19.43 7.42 -8.76
N THR A 369 18.46 8.29 -8.49
CA THR A 369 17.43 7.96 -7.51
C THR A 369 16.60 6.79 -7.98
N TYR A 370 16.20 6.82 -9.26
CA TYR A 370 15.50 5.71 -9.86
C TYR A 370 16.26 4.41 -9.60
N SER A 371 17.54 4.39 -9.92
CA SER A 371 18.35 3.19 -9.71
C SER A 371 18.37 2.78 -8.24
N ASP A 372 18.66 3.72 -7.35
CA ASP A 372 18.73 3.43 -5.93
C ASP A 372 17.47 2.74 -5.42
N VAL A 373 16.30 3.20 -5.86
CA VAL A 373 15.04 2.72 -5.30
C VAL A 373 14.49 1.46 -5.98
N ARG A 374 14.87 1.19 -7.23
CA ARG A 374 14.33 0.05 -7.95
C ARG A 374 15.22 -1.20 -7.90
N ILE A 375 16.48 -1.06 -7.53
CA ILE A 375 17.42 -2.15 -7.83
C ILE A 375 17.23 -3.34 -6.90
N GLU A 376 17.00 -3.11 -5.61
CA GLU A 376 16.92 -4.25 -4.69
C GLU A 376 15.70 -5.13 -4.97
N ARG A 377 14.51 -4.55 -5.05
CA ARG A 377 13.31 -5.37 -5.27
C ARG A 377 13.38 -6.08 -6.62
N SER A 378 13.83 -5.37 -7.68
CA SER A 378 13.80 -5.95 -9.03
C SER A 378 14.87 -7.04 -9.17
N GLN A 379 16.06 -6.83 -8.58
CA GLN A 379 17.07 -7.90 -8.55
C GLN A 379 16.70 -9.04 -7.61
N TRP A 380 15.96 -8.76 -6.53
CA TRP A 380 15.41 -9.86 -5.73
C TRP A 380 14.49 -10.73 -6.59
N LEU A 381 13.67 -10.09 -7.44
CA LEU A 381 12.71 -10.82 -8.27
C LEU A 381 13.41 -11.71 -9.29
N VAL A 382 14.50 -11.21 -9.87
CA VAL A 382 15.29 -12.03 -10.81
C VAL A 382 15.78 -13.30 -10.12
N LYS A 383 16.38 -13.14 -8.93
CA LYS A 383 16.88 -14.28 -8.17
C LYS A 383 15.78 -15.26 -7.79
N SER A 384 14.67 -14.74 -7.22
CA SER A 384 13.63 -15.63 -6.72
C SER A 384 12.91 -16.36 -7.84
N SER A 385 12.63 -15.68 -8.96
CA SER A 385 11.94 -16.38 -10.04
C SER A 385 12.83 -17.48 -10.63
N ARG A 386 14.15 -17.24 -10.68
CA ARG A 386 15.09 -18.31 -11.03
C ARG A 386 14.90 -19.50 -10.11
N GLU A 387 14.93 -19.26 -8.80
CA GLU A 387 14.80 -20.34 -7.82
C GLU A 387 13.43 -21.02 -7.94
N MET A 388 12.38 -20.28 -8.29
CA MET A 388 11.05 -20.87 -8.40
C MET A 388 11.01 -21.87 -9.54
N GLY A 389 11.70 -21.56 -10.64
CA GLY A 389 11.86 -22.53 -11.72
C GLY A 389 12.56 -23.80 -11.27
N ASP A 390 13.62 -23.68 -10.46
CA ASP A 390 14.27 -24.86 -9.90
C ASP A 390 13.34 -25.64 -8.96
N LEU A 391 12.57 -24.95 -8.14
CA LEU A 391 11.64 -25.65 -7.25
C LEU A 391 10.65 -26.52 -8.03
N TYR A 392 10.01 -25.95 -9.04
CA TYR A 392 9.08 -26.72 -9.84
C TYR A 392 9.76 -27.91 -10.50
N GLU A 393 11.07 -27.90 -10.63
CA GLU A 393 11.79 -29.01 -11.28
C GLU A 393 12.65 -29.81 -10.29
N TRP A 394 12.35 -29.72 -8.98
CA TRP A 394 12.96 -30.51 -7.92
C TRP A 394 14.49 -30.38 -7.90
N ARG A 395 15.00 -29.23 -8.33
CA ARG A 395 16.41 -28.92 -8.30
C ARG A 395 16.79 -27.95 -7.19
N TYR A 396 15.83 -27.40 -6.46
CA TYR A 396 16.15 -26.33 -5.50
C TYR A 396 16.57 -26.95 -4.18
N GLU A 397 17.79 -26.63 -3.74
CA GLU A 397 18.37 -27.12 -2.49
C GLU A 397 17.97 -28.55 -2.15
N ASP A 398 17.49 -28.77 -0.93
CA ASP A 398 17.16 -30.12 -0.48
C ASP A 398 15.75 -30.53 -0.82
N ILE A 399 14.89 -29.54 -1.12
CA ILE A 399 13.45 -29.73 -1.05
C ILE A 399 12.97 -30.82 -1.98
N GLY A 400 13.65 -31.00 -3.11
CA GLY A 400 13.13 -31.90 -4.13
C GLY A 400 11.64 -31.70 -4.37
N GLY A 401 10.91 -32.80 -4.23
CA GLY A 401 9.49 -32.83 -4.49
C GLY A 401 8.61 -32.89 -3.26
N ASP A 402 9.14 -32.45 -2.12
CA ASP A 402 8.31 -32.19 -0.94
C ASP A 402 7.30 -31.08 -1.23
N GLY A 403 6.03 -31.44 -1.36
CA GLY A 403 5.01 -30.45 -1.71
C GLY A 403 4.70 -29.45 -0.62
N VAL A 404 4.85 -29.86 0.64
CA VAL A 404 4.59 -28.93 1.73
C VAL A 404 5.66 -27.84 1.76
N LYS A 405 6.92 -28.22 1.48
CA LYS A 405 7.98 -27.22 1.43
C LYS A 405 7.88 -26.35 0.18
N CYS A 406 7.55 -26.94 -0.98
CA CYS A 406 7.41 -26.11 -2.16
C CYS A 406 6.29 -25.09 -1.96
N LYS A 407 5.16 -25.53 -1.39
CA LYS A 407 4.06 -24.62 -1.22
C LYS A 407 4.44 -23.48 -0.27
N ALA A 408 5.16 -23.80 0.81
CA ALA A 408 5.60 -22.76 1.73
C ALA A 408 6.54 -21.77 1.03
N GLU A 409 7.40 -22.27 0.14
CA GLU A 409 8.25 -21.37 -0.62
C GLU A 409 7.43 -20.48 -1.54
N TRP A 410 6.44 -21.05 -2.24
CA TRP A 410 5.65 -20.25 -3.17
C TRP A 410 4.98 -19.12 -2.40
N GLU A 411 4.43 -19.41 -1.21
CA GLU A 411 3.66 -18.41 -0.49
C GLU A 411 4.57 -17.31 0.05
N ARG A 412 5.72 -17.68 0.61
CA ARG A 412 6.63 -16.67 1.13
C ARG A 412 7.14 -15.75 0.02
N ARG A 413 7.53 -16.33 -1.12
CA ARG A 413 8.09 -15.50 -2.20
C ARG A 413 7.02 -14.62 -2.84
N SER A 414 5.83 -15.18 -3.11
CA SER A 414 4.79 -14.42 -3.75
C SER A 414 4.36 -13.24 -2.89
N ARG A 415 4.38 -13.39 -1.56
CA ARG A 415 3.96 -12.33 -0.67
C ARG A 415 4.86 -11.11 -0.82
N VAL A 416 6.15 -11.33 -1.08
CA VAL A 416 7.07 -10.23 -1.35
C VAL A 416 6.56 -9.39 -2.52
N ILE A 417 6.04 -10.05 -3.54
CA ILE A 417 5.53 -9.38 -4.73
C ILE A 417 4.19 -8.70 -4.47
N TRP A 418 3.18 -9.48 -4.05
CA TRP A 418 1.82 -8.90 -4.06
C TRP A 418 1.53 -8.01 -2.87
N ASP A 419 2.26 -8.16 -1.76
CA ASP A 419 1.98 -7.43 -0.53
C ASP A 419 2.87 -6.19 -0.47
N PHE A 420 2.60 -5.28 -1.39
CA PHE A 420 3.51 -4.20 -1.74
C PHE A 420 2.75 -2.90 -1.88
N ASP A 421 3.34 -1.83 -1.32
CA ASP A 421 2.71 -0.52 -1.28
C ASP A 421 3.22 0.34 -2.44
N VAL A 422 2.43 0.39 -3.51
CA VAL A 422 2.82 1.10 -4.72
C VAL A 422 2.96 2.59 -4.44
N GLN A 423 1.94 3.20 -3.83
CA GLN A 423 2.03 4.60 -3.44
C GLN A 423 3.24 4.86 -2.56
N GLY A 424 3.59 3.90 -1.69
CA GLY A 424 4.80 4.05 -0.90
C GLY A 424 6.05 4.17 -1.74
N MET A 425 6.11 3.39 -2.83
CA MET A 425 7.25 3.43 -3.74
C MET A 425 7.38 4.81 -4.41
N VAL A 426 6.27 5.32 -4.93
CA VAL A 426 6.27 6.64 -5.56
C VAL A 426 6.75 7.70 -4.58
N ASP A 427 6.15 7.74 -3.39
CA ASP A 427 6.54 8.77 -2.42
C ASP A 427 7.98 8.62 -1.95
N GLN A 428 8.48 7.40 -1.87
CA GLN A 428 9.87 7.23 -1.43
C GLN A 428 10.83 7.79 -2.48
N ALA A 429 10.51 7.59 -3.76
CA ALA A 429 11.40 8.07 -4.81
C ALA A 429 11.33 9.58 -4.90
N ARG A 430 10.12 10.15 -4.84
CA ARG A 430 10.02 11.60 -4.93
C ARG A 430 10.73 12.27 -3.74
N GLU A 431 10.64 11.70 -2.53
CA GLU A 431 11.31 12.32 -1.39
C GLU A 431 12.84 12.18 -1.44
N ALA A 432 13.33 11.01 -1.82
CA ALA A 432 14.77 10.86 -1.95
C ALA A 432 15.32 11.86 -2.95
N TYR A 433 14.58 12.11 -4.04
CA TYR A 433 15.01 13.12 -5.00
C TYR A 433 14.98 14.49 -4.35
N GLU A 434 13.87 14.82 -3.66
CA GLU A 434 13.72 16.15 -3.11
C GLU A 434 14.85 16.48 -2.13
N ARG A 435 15.25 15.51 -1.30
CA ARG A 435 16.32 15.80 -0.34
C ARG A 435 17.63 16.11 -1.06
N ALA A 436 17.98 15.34 -2.10
CA ALA A 436 19.27 15.48 -2.77
C ALA A 436 19.39 16.77 -3.60
N VAL A 437 18.27 17.28 -4.11
CA VAL A 437 18.30 18.45 -4.99
C VAL A 437 18.59 19.72 -4.22
N PRO B 10 -3.66 43.06 9.81
CA PRO B 10 -4.64 41.97 9.61
C PRO B 10 -3.93 40.63 9.45
N LEU B 11 -3.63 39.98 10.58
CA LEU B 11 -2.80 38.79 10.58
C LEU B 11 -3.30 37.72 9.61
N SER B 12 -2.41 37.22 8.79
CA SER B 12 -2.73 36.24 7.76
C SER B 12 -2.43 34.87 8.34
N ILE B 13 -3.50 34.10 8.59
CA ILE B 13 -3.39 32.81 9.28
C ILE B 13 -3.82 31.71 8.34
N ALA B 14 -2.88 30.81 8.03
CA ALA B 14 -3.17 29.67 7.17
C ALA B 14 -3.30 28.42 8.01
N ILE B 15 -4.40 27.69 7.81
CA ILE B 15 -4.64 26.40 8.45
C ILE B 15 -4.55 25.34 7.38
N ILE B 16 -3.69 24.35 7.59
CA ILE B 16 -3.48 23.28 6.64
C ILE B 16 -4.40 22.12 7.03
N GLY B 17 -5.38 21.81 6.17
CA GLY B 17 -6.27 20.70 6.42
C GLY B 17 -7.54 21.12 7.13
N GLY B 18 -8.68 20.72 6.57
CA GLY B 18 -9.98 21.11 7.09
C GLY B 18 -10.70 19.93 7.70
N GLY B 19 -9.98 19.17 8.52
CA GLY B 19 -10.59 18.14 9.31
C GLY B 19 -11.23 18.71 10.55
N ILE B 20 -11.57 17.80 11.47
CA ILE B 20 -12.23 18.18 12.72
C ILE B 20 -11.43 19.26 13.42
N ILE B 21 -10.12 19.09 13.50
CA ILE B 21 -9.37 20.03 14.33
C ILE B 21 -9.11 21.32 13.57
N GLY B 22 -8.88 21.25 12.25
CA GLY B 22 -8.77 22.52 11.49
C GLY B 22 -10.05 23.34 11.51
N LEU B 23 -11.23 22.69 11.41
CA LEU B 23 -12.48 23.44 11.49
C LEU B 23 -12.63 24.10 12.85
N MET B 24 -12.38 23.36 13.92
CA MET B 24 -12.48 23.93 15.27
C MET B 24 -11.52 25.10 15.49
N THR B 25 -10.25 24.95 15.06
CA THR B 25 -9.31 26.05 15.21
C THR B 25 -9.80 27.28 14.44
N ALA B 26 -10.31 27.07 13.23
CA ALA B 26 -10.78 28.23 12.45
C ALA B 26 -11.96 28.89 13.13
N LEU B 27 -12.90 28.09 13.67
CA LEU B 27 -14.06 28.65 14.36
C LEU B 27 -13.66 29.41 15.61
N GLY B 28 -12.67 28.91 16.34
CA GLY B 28 -12.23 29.61 17.54
C GLY B 28 -11.68 30.99 17.22
N LEU B 29 -10.84 31.07 16.17
CA LEU B 29 -10.25 32.35 15.73
C LEU B 29 -11.30 33.29 15.15
N LEU B 30 -12.22 32.78 14.33
CA LEU B 30 -13.29 33.65 13.78
C LEU B 30 -14.14 34.23 14.90
N HIS B 31 -14.41 33.42 15.94
CA HIS B 31 -15.25 33.87 17.04
C HIS B 31 -14.61 35.02 17.80
N ARG B 32 -13.29 35.09 17.75
CA ARG B 32 -12.51 36.10 18.45
C ARG B 32 -12.14 37.24 17.53
N ASN B 33 -12.55 37.19 16.26
CA ASN B 33 -12.17 38.21 15.26
C ASN B 33 -10.65 38.34 15.13
N ILE B 34 -9.97 37.19 15.02
CA ILE B 34 -8.52 37.16 14.90
C ILE B 34 -8.11 37.01 13.44
N GLY B 35 -7.42 38.02 12.93
CA GLY B 35 -6.75 37.90 11.63
C GLY B 35 -7.71 37.69 10.47
N LYS B 36 -7.13 37.12 9.40
CA LYS B 36 -7.88 36.67 8.23
C LYS B 36 -7.49 35.20 8.05
N VAL B 37 -8.46 34.31 8.23
CA VAL B 37 -8.17 32.88 8.31
C VAL B 37 -8.50 32.24 6.97
N THR B 38 -7.64 31.36 6.52
CA THR B 38 -7.86 30.54 5.34
C THR B 38 -7.50 29.11 5.68
N ILE B 39 -8.34 28.17 5.25
CA ILE B 39 -8.09 26.75 5.40
C ILE B 39 -7.74 26.23 4.01
N TYR B 40 -6.55 25.60 3.88
CA TYR B 40 -6.13 24.96 2.65
C TYR B 40 -6.32 23.46 2.80
N GLU B 41 -7.32 22.94 2.13
CA GLU B 41 -7.71 21.54 2.18
C GLU B 41 -7.34 20.86 0.88
N ARG B 42 -6.69 19.69 0.97
CA ARG B 42 -6.15 19.07 -0.24
C ARG B 42 -7.27 18.53 -1.15
N ALA B 43 -8.30 17.95 -0.57
CA ALA B 43 -9.31 17.30 -1.39
C ALA B 43 -10.10 18.34 -2.17
N SER B 44 -10.64 17.92 -3.30
CA SER B 44 -11.49 18.78 -4.12
C SER B 44 -12.88 18.92 -3.51
N ALA B 45 -13.18 18.12 -2.50
CA ALA B 45 -14.34 18.31 -1.64
C ALA B 45 -14.03 17.62 -0.32
N TRP B 46 -14.96 17.69 0.61
CA TRP B 46 -14.73 17.14 1.93
C TRP B 46 -14.57 15.64 1.79
N PRO B 47 -13.42 15.07 2.17
CA PRO B 47 -13.28 13.62 2.14
C PRO B 47 -14.31 12.96 3.04
N ASP B 48 -14.92 11.88 2.54
CA ASP B 48 -15.90 11.17 3.35
C ASP B 48 -15.14 10.10 4.14
N ILE B 49 -14.99 10.35 5.42
CA ILE B 49 -14.31 9.46 6.35
C ILE B 49 -15.34 8.82 7.26
N GLY B 50 -15.32 7.49 7.33
CA GLY B 50 -16.27 6.76 8.14
C GLY B 50 -15.73 6.44 9.51
N ALA B 51 -16.16 7.22 10.49
CA ALA B 51 -15.57 7.24 11.82
C ALA B 51 -16.64 7.51 12.87
N ALA B 52 -16.51 6.84 14.00
CA ALA B 52 -17.32 7.07 15.19
C ALA B 52 -16.43 7.61 16.30
N PHE B 53 -16.99 8.50 17.11
CA PHE B 53 -16.26 9.39 17.98
C PHE B 53 -16.87 9.30 19.36
N ALA B 54 -16.05 9.35 20.40
CA ALA B 54 -16.48 9.54 21.76
C ALA B 54 -15.80 10.79 22.30
N PHE B 55 -16.57 11.84 22.55
CA PHE B 55 -16.06 13.11 23.07
C PHE B 55 -16.28 13.21 24.58
N THR B 56 -15.21 13.50 25.31
CA THR B 56 -15.28 13.65 26.75
C THR B 56 -15.97 14.94 27.16
N GLY B 57 -16.40 14.98 28.42
CA GLY B 57 -16.91 16.22 28.97
C GLY B 57 -15.88 17.34 28.95
N ILE B 58 -14.63 16.99 29.24
CA ILE B 58 -13.55 17.98 29.15
C ILE B 58 -13.47 18.56 27.74
N ALA B 59 -13.50 17.69 26.74
CA ALA B 59 -13.42 18.18 25.36
C ALA B 59 -14.58 19.12 25.06
N ARG B 60 -15.75 18.83 25.59
CA ARG B 60 -16.92 19.69 25.38
C ARG B 60 -16.78 21.01 26.12
N GLU B 61 -16.16 21.00 27.30
CA GLU B 61 -15.80 22.27 27.92
C GLU B 61 -14.95 23.12 26.97
N CYS B 62 -14.06 22.48 26.24
CA CYS B 62 -13.16 23.25 25.35
C CYS B 62 -13.91 23.72 24.11
N MET B 63 -14.83 22.90 23.59
CA MET B 63 -15.62 23.36 22.46
C MET B 63 -16.41 24.61 22.82
N GLN B 64 -16.93 24.68 24.03
CA GLN B 64 -17.78 25.81 24.42
C GLN B 64 -16.98 27.10 24.42
N ARG B 65 -15.78 27.07 25.00
CA ARG B 65 -14.90 28.24 25.02
C ARG B 65 -14.41 28.61 23.62
N LEU B 66 -14.25 27.64 22.74
CA LEU B 66 -13.76 27.94 21.40
C LEU B 66 -14.79 28.82 20.70
N ASP B 67 -15.98 28.23 20.42
CA ASP B 67 -17.16 28.92 19.90
C ASP B 67 -18.41 28.15 20.32
N PRO B 68 -19.31 28.72 21.13
CA PRO B 68 -20.45 27.93 21.63
C PRO B 68 -21.25 27.20 20.56
N ALA B 69 -21.35 27.73 19.34
CA ALA B 69 -22.06 26.99 18.30
C ALA B 69 -21.39 25.67 17.94
N ILE B 70 -20.13 25.46 18.34
CA ILE B 70 -19.51 24.15 18.13
C ILE B 70 -20.22 23.11 19.01
N LEU B 71 -20.37 23.42 20.30
CA LEU B 71 -21.03 22.50 21.24
C LEU B 71 -22.50 22.32 20.89
N SER B 72 -23.17 23.40 20.50
CA SER B 72 -24.56 23.28 20.10
C SER B 72 -24.69 22.36 18.91
N ALA B 73 -23.82 22.51 17.93
CA ALA B 73 -23.88 21.62 16.78
C ALA B 73 -23.62 20.19 17.20
N LEU B 74 -22.66 19.98 18.11
CA LEU B 74 -22.41 18.63 18.58
C LEU B 74 -23.67 18.06 19.20
N SER B 75 -24.30 18.81 20.11
CA SER B 75 -25.42 18.28 20.88
C SER B 75 -26.58 17.88 19.97
N LYS B 76 -26.67 18.50 18.79
CA LYS B 76 -27.74 18.16 17.85
C LYS B 76 -27.52 16.81 17.19
N VAL B 77 -26.30 16.27 17.19
CA VAL B 77 -26.00 15.05 16.46
C VAL B 77 -25.36 14.01 17.36
N ALA B 78 -25.37 14.24 18.67
CA ALA B 78 -24.71 13.32 19.58
C ALA B 78 -25.70 12.49 20.41
N GLN B 79 -25.24 11.32 20.83
CA GLN B 79 -25.98 10.41 21.70
C GLN B 79 -25.11 10.14 22.92
N ARG B 80 -25.75 9.78 24.03
CA ARG B 80 -25.08 9.49 25.28
C ARG B 80 -25.44 8.09 25.73
N ASN B 81 -24.60 7.50 26.56
CA ASN B 81 -24.91 6.18 27.13
C ASN B 81 -25.94 6.35 28.22
N PRO B 82 -27.16 5.79 28.06
CA PRO B 82 -28.19 5.96 29.10
C PRO B 82 -27.81 5.35 30.45
N HIS B 83 -26.97 4.32 30.45
CA HIS B 83 -26.61 3.60 31.67
C HIS B 83 -25.31 4.15 32.26
N ASP B 84 -25.21 4.08 33.59
CA ASP B 84 -24.14 4.74 34.32
C ASP B 84 -22.88 3.91 34.46
N LYS B 85 -22.88 2.66 33.98
CA LYS B 85 -21.70 1.82 34.11
C LYS B 85 -21.55 0.90 32.92
N VAL B 86 -20.31 0.49 32.65
CA VAL B 86 -20.00 -0.49 31.60
C VAL B 86 -19.26 -1.67 32.21
N ARG B 87 -19.72 -2.88 31.92
CA ARG B 87 -19.06 -4.08 32.42
C ARG B 87 -18.16 -4.69 31.36
N TYR B 88 -16.96 -5.07 31.79
CA TYR B 88 -15.98 -5.74 30.97
C TYR B 88 -16.02 -7.23 31.29
N TRP B 89 -16.41 -8.01 30.30
CA TRP B 89 -16.65 -9.43 30.41
C TRP B 89 -15.50 -10.19 29.79
N ASP B 90 -15.35 -11.43 30.22
CA ASP B 90 -14.36 -12.34 29.68
C ASP B 90 -14.90 -13.02 28.45
N GLY B 91 -14.37 -12.65 27.28
CA GLY B 91 -14.81 -13.32 26.05
C GLY B 91 -14.12 -14.65 25.75
N PHE B 92 -13.05 -14.93 26.50
CA PHE B 92 -12.14 -16.00 26.12
C PHE B 92 -12.37 -17.28 26.92
N HIS B 93 -12.39 -17.20 28.22
CA HIS B 93 -12.45 -18.41 29.03
C HIS B 93 -13.78 -19.19 28.99
N PRO B 94 -14.93 -18.52 28.87
CA PRO B 94 -16.19 -19.26 28.94
C PRO B 94 -16.23 -20.38 27.93
N LYS B 95 -16.80 -21.52 28.36
CA LYS B 95 -17.01 -22.69 27.51
C LYS B 95 -18.47 -22.90 27.15
N SER B 96 -19.39 -22.11 27.72
CA SER B 96 -20.79 -22.26 27.38
C SER B 96 -21.44 -20.90 27.46
N LYS B 97 -22.59 -20.78 26.81
CA LYS B 97 -23.34 -19.53 26.90
C LYS B 97 -23.70 -19.24 28.35
N GLU B 98 -24.10 -20.25 29.10
CA GLU B 98 -24.54 -20.01 30.48
C GLU B 98 -23.38 -19.48 31.31
N GLU B 99 -22.20 -20.08 31.15
CA GLU B 99 -21.02 -19.53 31.81
C GLU B 99 -20.72 -18.10 31.32
N ALA B 100 -20.77 -17.89 29.99
CA ALA B 100 -20.43 -16.58 29.44
C ALA B 100 -21.30 -15.48 30.01
N GLN B 101 -22.60 -15.79 30.27
CA GLN B 101 -23.58 -14.79 30.75
C GLN B 101 -23.59 -14.62 32.26
N ASP B 102 -22.94 -15.51 33.00
CA ASP B 102 -22.96 -15.52 34.47
C ASP B 102 -22.04 -14.43 34.99
N PRO B 103 -22.59 -13.34 35.56
CA PRO B 103 -21.72 -12.23 35.98
C PRO B 103 -20.74 -12.64 37.05
N GLU B 104 -21.16 -13.58 37.93
CA GLU B 104 -20.35 -14.09 39.01
C GLU B 104 -19.07 -14.73 38.48
N LYS B 105 -19.14 -15.35 37.32
CA LYS B 105 -18.04 -16.06 36.72
C LYS B 105 -17.29 -15.25 35.65
N SER B 106 -17.96 -14.35 34.92
CA SER B 106 -17.38 -13.81 33.70
C SER B 106 -17.31 -12.30 33.60
N VAL B 107 -17.71 -11.55 34.61
CA VAL B 107 -17.43 -10.12 34.62
C VAL B 107 -16.01 -9.96 35.17
N LEU B 108 -15.15 -9.21 34.45
CA LEU B 108 -13.78 -8.92 34.87
C LEU B 108 -13.73 -7.69 35.77
N PHE B 109 -14.47 -6.62 35.44
CA PHE B 109 -14.55 -5.41 36.25
C PHE B 109 -15.62 -4.52 35.63
N GLU B 110 -15.89 -3.39 36.25
CA GLU B 110 -16.81 -2.45 35.65
C GLU B 110 -16.31 -1.04 35.88
N ILE B 111 -16.65 -0.14 34.94
CA ILE B 111 -16.24 1.25 35.00
C ILE B 111 -17.50 2.10 34.96
N GLU B 112 -17.43 3.26 35.60
CA GLU B 112 -18.61 4.12 35.74
C GLU B 112 -18.47 5.32 34.80
N GLU B 113 -19.61 5.66 34.17
CA GLU B 113 -19.72 6.54 33.02
C GLU B 113 -19.53 8.00 33.39
N LYS B 114 -19.98 8.39 34.57
CA LYS B 114 -20.18 9.82 34.86
C LYS B 114 -18.91 10.62 34.59
N ASN B 115 -17.75 10.05 34.90
CA ASN B 115 -16.52 10.84 34.92
C ASN B 115 -16.09 11.23 33.51
N MET B 116 -15.84 10.24 32.65
CA MET B 116 -15.42 10.58 31.29
C MET B 116 -16.56 11.30 30.55
N ALA B 117 -17.81 10.99 30.92
CA ALA B 117 -19.03 11.61 30.39
C ALA B 117 -19.05 11.66 28.87
N TYR B 118 -18.82 10.50 28.25
CA TYR B 118 -18.68 10.47 26.79
C TYR B 118 -20.00 10.86 26.12
N TRP B 119 -19.89 11.60 25.00
CA TRP B 119 -20.93 11.73 23.99
C TRP B 119 -20.41 11.12 22.69
N ALA B 120 -21.26 10.38 21.98
CA ALA B 120 -20.89 9.74 20.73
C ALA B 120 -21.55 10.43 19.54
N CYS B 121 -20.83 10.47 18.41
CA CYS B 121 -21.38 10.98 17.16
C CYS B 121 -20.61 10.36 16.01
N LEU B 122 -21.15 10.54 14.80
CA LEU B 122 -20.39 10.20 13.59
C LEU B 122 -19.58 11.39 13.12
N ARG B 123 -18.42 11.11 12.51
CA ARG B 123 -17.53 12.20 12.12
C ARG B 123 -18.15 13.05 11.02
N GLY B 124 -18.65 12.40 9.96
CA GLY B 124 -19.20 13.14 8.85
C GLY B 124 -20.29 14.12 9.27
N VAL B 125 -21.15 13.71 10.21
CA VAL B 125 -22.28 14.56 10.57
C VAL B 125 -21.81 15.75 11.39
N PHE B 126 -20.89 15.54 12.33
CA PHE B 126 -20.36 16.64 13.11
C PHE B 126 -19.51 17.56 12.24
N HIS B 127 -18.75 16.99 11.33
CA HIS B 127 -17.94 17.82 10.44
C HIS B 127 -18.80 18.76 9.61
N ALA B 128 -19.86 18.22 8.98
CA ALA B 128 -20.76 19.05 8.18
C ALA B 128 -21.43 20.15 9.01
N GLU B 129 -21.89 19.82 10.22
CA GLU B 129 -22.53 20.83 11.06
C GLU B 129 -21.57 21.97 11.38
N MET B 130 -20.28 21.66 11.59
CA MET B 130 -19.34 22.74 11.88
C MET B 130 -19.04 23.54 10.61
N ALA B 131 -18.94 22.83 9.47
CA ALA B 131 -18.54 23.48 8.24
C ALA B 131 -19.52 24.55 7.80
N ARG B 132 -20.82 24.36 8.07
CA ARG B 132 -21.76 25.38 7.66
C ARG B 132 -21.66 26.62 8.53
N LEU B 133 -20.92 26.57 9.64
CA LEU B 133 -20.65 27.75 10.47
C LEU B 133 -19.51 28.63 9.94
N LEU B 134 -18.79 28.17 8.94
CA LEU B 134 -17.68 28.96 8.43
C LEU B 134 -18.11 29.84 7.26
N PRO B 135 -17.65 31.09 7.23
CA PRO B 135 -17.80 31.91 6.03
C PRO B 135 -17.35 31.16 4.80
N GLU B 136 -18.04 31.36 3.68
CA GLU B 136 -17.63 30.68 2.46
C GLU B 136 -16.17 30.98 2.12
N ARG B 137 -15.72 32.22 2.34
CA ARG B 137 -14.35 32.55 1.91
C ARG B 137 -13.25 31.77 2.63
N VAL B 138 -13.55 31.01 3.68
CA VAL B 138 -12.45 30.41 4.46
C VAL B 138 -11.81 29.23 3.74
N VAL B 139 -12.58 28.25 3.35
CA VAL B 139 -12.03 26.97 2.89
C VAL B 139 -11.68 27.01 1.41
N ARG B 140 -10.43 26.66 1.08
CA ARG B 140 -9.93 26.60 -0.29
C ARG B 140 -9.64 25.13 -0.62
N PHE B 141 -10.44 24.56 -1.52
CA PHE B 141 -10.34 23.15 -1.84
C PHE B 141 -9.28 22.91 -2.90
N GLY B 142 -8.91 21.65 -3.04
CA GLY B 142 -7.87 21.27 -3.98
C GLY B 142 -6.57 22.02 -3.77
N LYS B 143 -6.22 22.29 -2.52
CA LYS B 143 -4.98 22.94 -2.14
C LYS B 143 -4.21 22.00 -1.22
N ARG B 144 -3.36 21.17 -1.82
CA ARG B 144 -2.55 20.19 -1.09
C ARG B 144 -1.17 20.78 -0.87
N LEU B 145 -0.85 21.08 0.39
CA LEU B 145 0.47 21.64 0.69
C LEU B 145 1.55 20.59 0.48
N VAL B 146 2.65 20.99 -0.17
CA VAL B 146 3.71 20.04 -0.50
C VAL B 146 5.05 20.50 0.03
N ALA B 147 5.22 21.81 0.20
CA ALA B 147 6.39 22.37 0.86
C ALA B 147 6.09 23.76 1.38
N TYR B 148 6.99 24.28 2.19
CA TYR B 148 6.94 25.67 2.62
C TYR B 148 8.34 26.08 3.03
N GLU B 149 8.53 27.40 3.16
CA GLU B 149 9.76 27.98 3.69
C GLU B 149 9.41 29.05 4.70
N ASP B 150 9.93 28.92 5.91
CA ASP B 150 9.73 29.89 6.99
C ASP B 150 11.09 30.48 7.35
N GLY B 151 11.40 31.67 6.84
CA GLY B 151 12.66 32.32 7.11
C GLY B 151 12.50 33.62 7.88
N GLY B 152 13.34 34.60 7.60
CA GLY B 152 13.22 35.90 8.24
C GLY B 152 12.80 36.98 7.26
N ASP B 153 12.35 38.12 7.79
CA ASP B 153 12.06 39.30 6.98
C ASP B 153 10.70 39.19 6.29
N GLN B 154 10.32 37.99 5.85
CA GLN B 154 9.17 37.81 4.98
C GLN B 154 8.05 37.05 5.70
N LYS B 155 6.99 36.79 4.96
CA LYS B 155 5.96 35.86 5.36
C LYS B 155 6.39 34.43 5.04
N VAL B 156 5.79 33.47 5.75
CA VAL B 156 5.92 32.08 5.38
C VAL B 156 5.37 31.88 3.98
N VAL B 157 6.09 31.14 3.14
CA VAL B 157 5.70 30.86 1.77
C VAL B 157 5.17 29.44 1.69
N LEU B 158 3.94 29.27 1.23
CA LEU B 158 3.29 27.96 1.14
C LEU B 158 3.21 27.55 -0.33
N ARG B 159 3.58 26.31 -0.62
CA ARG B 159 3.59 25.79 -1.97
C ARG B 159 2.68 24.58 -2.07
N PHE B 160 1.86 24.54 -3.11
CA PHE B 160 0.84 23.52 -3.25
C PHE B 160 1.08 22.65 -4.47
N GLU B 161 0.47 21.47 -4.44
CA GLU B 161 0.65 20.52 -5.54
C GLU B 161 0.27 21.13 -6.88
N ASP B 162 -0.75 21.99 -6.93
CA ASP B 162 -1.19 22.56 -8.21
C ASP B 162 -0.28 23.70 -8.72
N GLY B 163 0.86 23.93 -8.09
CA GLY B 163 1.78 24.96 -8.54
C GLY B 163 1.56 26.32 -7.95
N GLU B 164 0.37 26.60 -7.46
CA GLU B 164 0.12 27.90 -6.86
C GLU B 164 0.96 28.08 -5.60
N VAL B 165 1.08 29.32 -5.19
CA VAL B 165 1.86 29.74 -4.04
C VAL B 165 1.04 30.73 -3.24
N GLU B 166 1.09 30.61 -1.92
CA GLU B 166 0.45 31.60 -1.05
C GLU B 166 1.40 31.93 0.10
N GLU B 167 1.11 33.03 0.78
CA GLU B 167 1.91 33.50 1.89
C GLU B 167 1.04 33.55 3.15
N ALA B 168 1.69 33.59 4.30
CA ALA B 168 0.94 33.73 5.55
C ALA B 168 1.88 34.11 6.69
N ASP B 169 1.31 34.82 7.67
CA ASP B 169 1.99 35.22 8.89
C ASP B 169 2.12 34.08 9.88
N ILE B 170 1.09 33.23 9.96
CA ILE B 170 1.06 32.12 10.90
C ILE B 170 0.55 30.90 10.16
N VAL B 171 1.11 29.75 10.47
CA VAL B 171 0.71 28.50 9.86
C VAL B 171 0.42 27.52 10.96
N ILE B 172 -0.82 27.04 10.97
CA ILE B 172 -1.27 26.02 11.90
C ILE B 172 -1.63 24.80 11.08
N ALA B 173 -0.84 23.74 11.20
CA ALA B 173 -1.06 22.52 10.45
C ALA B 173 -1.98 21.57 11.20
N CYS B 174 -3.15 21.31 10.61
N CYS B 174 -3.15 21.31 10.61
CA CYS B 174 -4.07 20.31 11.11
CA CYS B 174 -4.08 20.31 11.12
C CYS B 174 -4.28 19.26 10.03
C CYS B 174 -4.28 19.27 10.03
N ASP B 175 -3.19 18.80 9.40
CA ASP B 175 -3.30 17.94 8.25
C ASP B 175 -3.24 16.44 8.59
N GLY B 176 -3.50 16.09 9.84
CA GLY B 176 -3.80 14.69 10.16
C GLY B 176 -2.60 13.83 10.48
N VAL B 177 -2.89 12.55 10.66
CA VAL B 177 -1.89 11.62 11.20
C VAL B 177 -0.68 11.53 10.28
N HIS B 178 -0.89 11.58 8.97
CA HIS B 178 0.21 11.54 7.98
C HIS B 178 0.48 12.96 7.48
N SER B 179 0.60 13.90 8.43
CA SER B 179 0.84 15.31 8.14
C SER B 179 2.01 15.48 7.19
N THR B 180 1.77 16.25 6.12
CA THR B 180 2.87 16.75 5.31
C THR B 180 3.64 17.84 6.05
N ALA B 181 2.92 18.68 6.79
CA ALA B 181 3.59 19.79 7.47
C ALA B 181 4.61 19.29 8.50
N ARG B 182 4.27 18.22 9.24
CA ARG B 182 5.18 17.68 10.25
C ARG B 182 6.54 17.29 9.65
N ARG B 183 6.54 16.72 8.44
CA ARG B 183 7.79 16.32 7.79
C ARG B 183 8.62 17.49 7.34
N VAL B 184 8.00 18.53 6.76
CA VAL B 184 8.77 19.72 6.44
C VAL B 184 9.40 20.29 7.71
N LEU B 185 8.60 20.36 8.78
CA LEU B 185 9.05 21.04 9.99
C LEU B 185 10.23 20.31 10.63
N LEU B 186 10.20 18.97 10.60
CA LEU B 186 11.18 18.19 11.31
C LEU B 186 12.30 17.71 10.40
N GLY B 187 12.04 17.63 9.09
CA GLY B 187 12.85 16.86 8.18
C GLY B 187 12.21 15.51 7.94
N ALA B 188 12.04 15.15 6.66
CA ALA B 188 11.36 13.88 6.35
C ALA B 188 12.10 12.68 6.91
N GLU B 189 13.38 12.82 7.24
CA GLU B 189 14.21 11.72 7.74
C GLU B 189 14.21 11.63 9.26
N HIS B 190 13.71 12.65 9.94
CA HIS B 190 13.50 12.62 11.38
C HIS B 190 12.71 11.37 11.80
N PRO B 191 13.11 10.69 12.87
CA PRO B 191 12.35 9.52 13.31
C PRO B 191 10.88 9.77 13.59
N ALA B 192 10.49 10.99 13.97
CA ALA B 192 9.12 11.34 14.30
C ALA B 192 8.36 11.93 13.13
N ALA B 193 9.00 11.98 11.96
CA ALA B 193 8.31 12.48 10.78
C ALA B 193 7.13 11.60 10.42
N ASN B 194 7.18 10.32 10.77
CA ASN B 194 6.20 9.33 10.34
C ASN B 194 5.44 8.82 11.55
N ALA B 195 4.12 8.86 11.48
CA ALA B 195 3.30 8.05 12.36
C ALA B 195 3.43 6.58 11.93
N ARG B 196 3.25 5.67 12.88
CA ARG B 196 3.44 4.23 12.63
C ARG B 196 2.24 3.42 13.10
N TYR B 197 2.00 2.29 12.41
CA TYR B 197 1.01 1.31 12.80
C TYR B 197 1.18 0.86 14.23
N SER B 198 0.09 0.93 15.01
CA SER B 198 0.10 0.53 16.41
C SER B 198 0.04 -0.95 16.58
N ARG B 199 -0.23 -1.68 15.50
CA ARG B 199 -0.50 -3.13 15.49
C ARG B 199 -1.88 -3.48 16.06
N LYS B 200 -2.79 -2.53 16.18
CA LYS B 200 -4.20 -2.82 16.41
C LYS B 200 -4.99 -2.41 15.19
N ALA B 201 -5.93 -3.25 14.78
CA ALA B 201 -6.88 -2.95 13.72
C ALA B 201 -8.31 -3.15 14.22
N VAL B 202 -9.24 -2.46 13.57
CA VAL B 202 -10.64 -2.42 13.96
C VAL B 202 -11.50 -2.95 12.83
N TYR B 203 -12.44 -3.85 13.17
CA TYR B 203 -13.52 -4.26 12.29
C TYR B 203 -14.86 -3.84 12.87
N ARG B 204 -15.65 -3.13 12.08
CA ARG B 204 -16.91 -2.56 12.53
C ARG B 204 -18.06 -3.21 11.77
N ALA B 205 -19.11 -3.62 12.50
CA ALA B 205 -20.27 -4.26 11.88
C ALA B 205 -21.55 -3.86 12.60
N LEU B 206 -22.65 -3.91 11.86
CA LEU B 206 -23.99 -3.72 12.41
C LEU B 206 -24.72 -5.01 12.20
N VAL B 207 -25.37 -5.49 13.25
CA VAL B 207 -25.94 -6.84 13.29
C VAL B 207 -27.33 -6.77 13.88
N PRO B 208 -28.24 -7.67 13.45
CA PRO B 208 -29.62 -7.57 13.93
C PRO B 208 -29.72 -7.92 15.39
N MET B 209 -30.58 -7.19 16.09
CA MET B 209 -30.72 -7.36 17.53
C MET B 209 -31.15 -8.76 17.95
N PRO B 210 -32.03 -9.48 17.26
CA PRO B 210 -32.37 -10.83 17.74
C PRO B 210 -31.23 -11.82 17.68
N ALA B 211 -30.39 -11.78 16.65
CA ALA B 211 -29.23 -12.66 16.62
C ALA B 211 -28.24 -12.29 17.72
N ALA B 212 -28.05 -10.99 17.96
CA ALA B 212 -27.20 -10.59 19.07
C ALA B 212 -27.74 -11.14 20.39
N ILE B 213 -29.07 -11.08 20.56
CA ILE B 213 -29.67 -11.57 21.80
C ILE B 213 -29.42 -13.06 21.96
N ASP B 214 -29.56 -13.81 20.86
CA ASP B 214 -29.33 -15.24 20.94
C ASP B 214 -27.87 -15.58 21.24
N ALA B 215 -26.94 -14.75 20.79
CA ALA B 215 -25.53 -15.04 21.00
C ALA B 215 -25.09 -14.69 22.42
N LEU B 216 -25.52 -13.53 22.93
CA LEU B 216 -25.06 -12.93 24.18
C LEU B 216 -26.03 -13.04 25.36
N GLY B 217 -27.26 -13.44 25.13
CA GLY B 217 -28.32 -13.34 26.15
C GLY B 217 -28.87 -11.93 26.16
N THR B 218 -30.14 -11.84 26.64
CA THR B 218 -30.83 -10.56 26.45
C THR B 218 -30.31 -9.49 27.40
N GLU B 219 -29.85 -9.85 28.58
CA GLU B 219 -29.41 -8.80 29.51
C GLU B 219 -28.14 -8.12 28.98
N LYS B 220 -27.19 -8.88 28.43
CA LYS B 220 -25.94 -8.26 27.95
C LYS B 220 -26.16 -7.50 26.65
N ALA B 221 -27.06 -7.99 25.79
CA ALA B 221 -27.26 -7.36 24.49
C ALA B 221 -27.97 -6.02 24.57
N HIS B 222 -28.56 -5.65 25.72
CA HIS B 222 -29.34 -4.42 25.85
C HIS B 222 -28.58 -3.30 26.56
N VAL B 223 -27.33 -3.52 26.92
CA VAL B 223 -26.48 -2.47 27.45
C VAL B 223 -25.13 -2.52 26.74
N GLN B 224 -24.45 -1.39 26.77
CA GLN B 224 -23.10 -1.36 26.24
C GLN B 224 -22.21 -2.23 27.12
N ILE B 225 -21.45 -3.12 26.47
CA ILE B 225 -20.49 -4.00 27.11
C ILE B 225 -19.16 -3.96 26.34
N ALA B 226 -18.13 -4.47 26.98
CA ALA B 226 -16.92 -4.91 26.32
C ALA B 226 -16.61 -6.35 26.69
N HIS B 227 -15.93 -7.03 25.77
CA HIS B 227 -15.38 -8.36 26.01
C HIS B 227 -13.87 -8.28 25.81
N CYS B 228 -13.11 -8.71 26.82
CA CYS B 228 -11.66 -8.80 26.78
C CYS B 228 -11.19 -10.24 26.62
N GLY B 229 -9.95 -10.39 26.12
CA GLY B 229 -9.37 -11.67 25.78
C GLY B 229 -7.98 -11.51 25.15
N PRO B 230 -7.28 -12.62 24.89
CA PRO B 230 -5.89 -12.53 24.43
C PRO B 230 -5.85 -11.99 23.01
N ASP B 231 -5.22 -10.83 22.85
CA ASP B 231 -4.95 -10.24 21.54
C ASP B 231 -6.18 -9.74 20.79
N ALA B 232 -7.28 -9.48 21.49
CA ALA B 232 -8.47 -8.93 20.87
C ALA B 232 -9.42 -8.42 21.94
N HIS B 233 -10.26 -7.46 21.56
CA HIS B 233 -11.37 -7.06 22.42
C HIS B 233 -12.47 -6.43 21.60
N ILE B 234 -13.65 -6.35 22.21
CA ILE B 234 -14.90 -6.16 21.49
C ILE B 234 -15.77 -5.20 22.29
N VAL B 235 -16.07 -4.06 21.71
CA VAL B 235 -17.06 -3.16 22.28
C VAL B 235 -18.32 -3.29 21.45
N SER B 236 -19.46 -3.50 22.11
CA SER B 236 -20.72 -3.69 21.41
C SER B 236 -21.90 -3.16 22.24
N PHE B 237 -22.95 -2.76 21.53
CA PHE B 237 -24.09 -2.12 22.13
C PHE B 237 -25.30 -1.94 21.21
N PRO B 238 -26.50 -1.88 21.78
CA PRO B 238 -27.69 -1.56 20.98
C PRO B 238 -27.65 -0.11 20.54
N VAL B 239 -28.17 0.15 19.34
CA VAL B 239 -28.40 1.51 18.87
C VAL B 239 -29.81 1.60 18.28
N ASN B 240 -30.22 2.82 17.93
CA ASN B 240 -31.43 3.00 17.14
C ASN B 240 -32.65 2.50 17.92
N ASN B 241 -32.75 2.94 19.18
CA ASN B 241 -33.78 2.45 20.09
C ASN B 241 -33.73 0.93 20.19
N ALA B 242 -32.54 0.35 20.03
CA ALA B 242 -32.28 -1.09 20.10
C ALA B 242 -32.92 -1.85 18.94
N GLN B 243 -32.97 -1.23 17.77
CA GLN B 243 -33.35 -1.91 16.55
C GLN B 243 -32.17 -2.49 15.78
N ILE B 244 -30.94 -2.18 16.19
CA ILE B 244 -29.76 -2.76 15.54
C ILE B 244 -28.60 -2.80 16.54
N TYR B 245 -27.75 -3.83 16.40
CA TYR B 245 -26.67 -4.09 17.34
C TYR B 245 -25.30 -3.77 16.71
N ASN B 246 -24.56 -2.83 17.33
CA ASN B 246 -23.28 -2.33 16.86
C ASN B 246 -22.10 -3.07 17.48
N VAL B 247 -21.20 -3.59 16.65
CA VAL B 247 -20.02 -4.34 17.12
C VAL B 247 -18.71 -3.73 16.62
N PHE B 248 -17.79 -3.37 17.56
CA PHE B 248 -16.42 -2.96 17.25
C PHE B 248 -15.48 -4.04 17.74
N LEU B 249 -14.83 -4.73 16.82
CA LEU B 249 -13.92 -5.83 17.12
C LEU B 249 -12.50 -5.35 16.80
N PHE B 250 -11.74 -5.09 17.87
CA PHE B 250 -10.34 -4.67 17.76
C PHE B 250 -9.49 -5.93 17.85
N THR B 251 -8.42 -5.98 17.04
CA THR B 251 -7.53 -7.12 17.03
C THR B 251 -6.06 -6.72 16.91
N HIS B 252 -5.20 -7.44 17.65
CA HIS B 252 -3.75 -7.21 17.55
C HIS B 252 -3.21 -7.94 16.32
N ASP B 253 -2.43 -7.24 15.53
CA ASP B 253 -1.95 -7.70 14.23
C ASP B 253 -0.53 -8.21 14.42
N SER B 254 -0.30 -9.47 14.02
CA SER B 254 1.08 -9.98 14.03
C SER B 254 1.94 -9.27 12.98
N ASN B 255 1.34 -8.93 11.85
CA ASN B 255 2.05 -8.36 10.71
C ASN B 255 2.08 -6.84 10.71
N GLU B 256 3.18 -6.31 10.18
CA GLU B 256 3.28 -4.89 9.90
C GLU B 256 2.32 -4.53 8.77
N TRP B 257 1.99 -3.23 8.71
CA TRP B 257 1.08 -2.69 7.71
C TRP B 257 1.84 -2.56 6.40
N THR B 258 1.26 -3.08 5.32
CA THR B 258 1.91 -3.12 4.02
C THR B 258 1.19 -2.26 3.01
N HIS B 259 0.25 -1.45 3.47
CA HIS B 259 -0.45 -0.48 2.65
C HIS B 259 0.08 0.89 3.06
N GLY B 260 -0.42 1.92 2.40
CA GLY B 260 0.36 3.14 2.45
C GLY B 260 0.15 3.96 3.70
N HIS B 261 -0.17 5.20 3.44
CA HIS B 261 -0.99 6.03 4.27
C HIS B 261 -2.45 5.64 4.16
N THR B 262 -2.75 4.60 3.39
CA THR B 262 -4.11 4.09 3.32
C THR B 262 -4.43 3.31 4.60
N MET B 263 -5.50 3.68 5.28
CA MET B 263 -5.76 3.13 6.59
C MET B 263 -6.95 2.20 6.65
N THR B 264 -7.76 2.14 5.60
CA THR B 264 -8.85 1.18 5.47
C THR B 264 -8.62 0.31 4.25
N VAL B 265 -8.63 -1.01 4.45
CA VAL B 265 -8.49 -1.97 3.36
C VAL B 265 -9.53 -3.09 3.44
N PRO B 266 -10.02 -3.58 2.31
CA PRO B 266 -10.98 -4.69 2.32
C PRO B 266 -10.37 -5.93 2.95
N SER B 267 -11.22 -6.64 3.66
CA SER B 267 -10.83 -7.78 4.47
C SER B 267 -11.98 -8.78 4.49
N SER B 268 -11.63 -10.04 4.70
CA SER B 268 -12.66 -11.07 4.76
C SER B 268 -13.06 -11.34 6.19
N LYS B 269 -14.24 -11.95 6.32
CA LYS B 269 -14.76 -12.40 7.61
C LYS B 269 -13.86 -13.42 8.28
N GLU B 270 -12.98 -14.08 7.53
CA GLU B 270 -12.25 -15.22 8.09
C GLU B 270 -11.06 -14.76 8.92
N GLU B 271 -10.49 -13.59 8.62
CA GLU B 271 -9.49 -13.05 9.52
C GLU B 271 -10.09 -12.72 10.88
N ILE B 272 -11.36 -12.32 10.89
CA ILE B 272 -12.07 -12.06 12.14
C ILE B 272 -12.33 -13.37 12.89
N LEU B 273 -12.86 -14.37 12.20
CA LEU B 273 -13.10 -15.65 12.84
C LEU B 273 -11.82 -16.25 13.40
N SER B 274 -10.68 -15.95 12.76
CA SER B 274 -9.42 -16.52 13.21
C SER B 274 -8.97 -15.89 14.52
N ALA B 275 -9.17 -14.57 14.67
CA ALA B 275 -8.85 -13.91 15.92
C ALA B 275 -9.61 -14.45 17.12
N VAL B 276 -10.82 -15.01 16.93
CA VAL B 276 -11.62 -15.44 18.08
C VAL B 276 -11.87 -16.94 18.07
N GLU B 277 -11.08 -17.70 17.32
CA GLU B 277 -11.43 -19.10 17.09
C GLU B 277 -11.33 -19.95 18.35
N ASN B 278 -10.56 -19.50 19.33
CA ASN B 278 -10.51 -20.20 20.61
C ASN B 278 -11.20 -19.42 21.72
N TRP B 279 -12.11 -18.52 21.38
CA TRP B 279 -12.86 -17.79 22.37
C TRP B 279 -14.16 -18.54 22.69
N GLY B 280 -14.93 -18.02 23.64
CA GLY B 280 -16.14 -18.70 24.02
C GLY B 280 -17.16 -18.76 22.91
N PRO B 281 -18.16 -19.63 23.08
CA PRO B 281 -19.19 -19.78 22.03
C PRO B 281 -20.04 -18.55 21.84
N HIS B 282 -20.18 -17.69 22.86
CA HIS B 282 -20.94 -16.46 22.65
C HIS B 282 -20.24 -15.50 21.68
N ILE B 283 -18.91 -15.44 21.73
CA ILE B 283 -18.18 -14.52 20.87
C ILE B 283 -18.04 -15.11 19.47
N LYS B 284 -17.80 -16.41 19.38
CA LYS B 284 -17.75 -17.04 18.06
C LYS B 284 -19.08 -16.91 17.35
N GLU B 285 -20.18 -17.08 18.07
CA GLU B 285 -21.50 -16.86 17.48
C GLU B 285 -21.66 -15.41 17.00
N LEU B 286 -21.35 -14.45 17.88
CA LEU B 286 -21.42 -13.04 17.48
C LEU B 286 -20.57 -12.76 16.23
N ALA B 287 -19.34 -13.30 16.18
CA ALA B 287 -18.48 -13.04 15.02
C ALA B 287 -19.05 -13.66 13.76
N SER B 288 -19.73 -14.79 13.88
CA SER B 288 -20.34 -15.42 12.72
C SER B 288 -21.42 -14.54 12.09
N LEU B 289 -21.95 -13.54 12.80
CA LEU B 289 -22.99 -12.71 12.22
C LEU B 289 -22.42 -11.68 11.28
N PHE B 290 -21.12 -11.43 11.34
CA PHE B 290 -20.49 -10.39 10.57
C PHE B 290 -20.73 -10.62 9.07
N PRO B 291 -20.74 -9.54 8.27
CA PRO B 291 -20.77 -9.72 6.81
C PRO B 291 -19.52 -10.44 6.29
N GLU B 292 -19.63 -11.00 5.09
CA GLU B 292 -18.50 -11.75 4.54
C GLU B 292 -17.36 -10.82 4.10
N GLN B 293 -17.67 -9.72 3.43
CA GLN B 293 -16.68 -8.68 3.16
C GLN B 293 -16.89 -7.54 4.14
N LEU B 294 -15.79 -6.96 4.61
CA LEU B 294 -15.86 -5.76 5.44
C LEU B 294 -14.45 -5.16 5.51
N SER B 295 -14.38 -3.92 5.96
CA SER B 295 -13.10 -3.23 5.95
C SER B 295 -12.34 -3.40 7.26
N LYS B 296 -11.02 -3.41 7.14
CA LYS B 296 -10.12 -3.32 8.28
C LYS B 296 -9.63 -1.89 8.40
N TYR B 297 -9.67 -1.34 9.60
CA TYR B 297 -9.17 0.01 9.87
C TYR B 297 -7.92 -0.10 10.74
N ALA B 298 -6.79 0.34 10.20
CA ALA B 298 -5.51 0.32 10.91
C ALA B 298 -5.38 1.55 11.81
N ILE B 299 -5.09 1.30 13.09
CA ILE B 299 -4.87 2.36 14.06
C ILE B 299 -3.39 2.74 14.00
N PHE B 300 -3.11 3.96 13.49
CA PHE B 300 -1.77 4.55 13.51
C PHE B 300 -1.68 5.56 14.64
N ASP B 301 -0.48 5.70 15.23
CA ASP B 301 -0.30 6.73 16.23
C ASP B 301 1.15 7.18 16.28
N GLN B 302 1.42 8.07 17.21
CA GLN B 302 2.70 8.69 17.38
C GLN B 302 3.38 8.23 18.65
N ALA B 303 3.05 7.03 19.14
CA ALA B 303 3.62 6.54 20.41
C ALA B 303 5.08 6.13 20.30
N ASP B 304 5.50 5.49 19.21
CA ASP B 304 6.87 4.96 19.14
C ASP B 304 7.89 6.09 19.12
N HIS B 305 7.60 7.18 18.41
CA HIS B 305 8.51 8.32 18.28
C HIS B 305 7.76 9.61 18.53
N PRO B 306 7.56 9.97 19.79
CA PRO B 306 6.90 11.23 20.09
C PRO B 306 7.67 12.41 19.52
N LEU B 307 6.92 13.47 19.23
CA LEU B 307 7.55 14.63 18.62
C LEU B 307 8.42 15.34 19.65
N PRO B 308 9.50 16.03 19.19
CA PRO B 308 10.37 16.76 20.14
C PRO B 308 9.71 18.06 20.57
N TYR B 309 8.91 18.63 19.68
CA TYR B 309 8.22 19.92 19.89
C TYR B 309 7.08 19.98 18.87
N TYR B 310 6.11 20.85 19.11
CA TYR B 310 4.96 21.00 18.22
C TYR B 310 5.04 22.24 17.33
N ALA B 311 6.03 23.10 17.56
CA ALA B 311 6.16 24.30 16.76
C ALA B 311 7.62 24.77 16.78
N ALA B 312 8.00 25.47 15.71
CA ALA B 312 9.23 26.22 15.61
C ALA B 312 8.96 27.39 14.67
N GLY B 313 9.67 28.50 14.87
CA GLY B 313 9.43 29.64 14.00
C GLY B 313 7.93 29.98 14.00
N ARG B 314 7.35 30.19 12.80
CA ARG B 314 5.96 30.61 12.69
C ARG B 314 4.98 29.48 12.33
N VAL B 315 5.35 28.23 12.58
CA VAL B 315 4.59 27.07 12.16
C VAL B 315 4.31 26.17 13.37
N ALA B 316 3.06 25.76 13.51
CA ALA B 316 2.68 24.86 14.60
C ALA B 316 1.84 23.72 14.06
N LEU B 317 1.95 22.59 14.77
CA LEU B 317 1.20 21.38 14.49
C LEU B 317 0.12 21.19 15.56
N ALA B 318 -1.08 20.78 15.14
CA ALA B 318 -2.17 20.56 16.09
C ALA B 318 -2.98 19.34 15.65
N GLY B 319 -3.67 18.76 16.63
CA GLY B 319 -4.43 17.55 16.38
C GLY B 319 -3.54 16.38 16.04
N ASP B 320 -4.02 15.56 15.09
CA ASP B 320 -3.37 14.29 14.81
C ASP B 320 -2.01 14.50 14.16
N ALA B 321 -1.77 15.70 13.61
CA ALA B 321 -0.46 16.00 13.02
C ALA B 321 0.64 16.00 14.08
N ALA B 322 0.29 16.37 15.32
CA ALA B 322 1.21 16.49 16.43
C ALA B 322 1.17 15.32 17.39
N HIS B 323 0.02 14.63 17.51
CA HIS B 323 -0.11 13.58 18.50
C HIS B 323 -1.25 12.63 18.16
N ALA B 324 -1.17 11.98 16.99
CA ALA B 324 -2.11 10.93 16.66
C ALA B 324 -2.12 9.84 17.73
N SER B 325 -3.32 9.41 18.08
CA SER B 325 -3.50 8.56 19.26
C SER B 325 -4.47 7.43 18.98
N SER B 326 -4.27 6.33 19.70
CA SER B 326 -5.27 5.28 19.77
C SER B 326 -6.52 5.83 20.44
N PRO B 327 -7.69 5.24 20.15
CA PRO B 327 -8.95 5.75 20.72
C PRO B 327 -9.43 5.15 22.06
N PHE B 328 -8.55 4.56 22.86
CA PHE B 328 -8.98 3.85 24.07
C PHE B 328 -9.11 4.74 25.30
N HIS B 329 -8.82 6.02 25.21
CA HIS B 329 -9.24 7.00 26.20
C HIS B 329 -10.21 8.00 25.57
N GLY B 330 -10.92 7.58 24.53
CA GLY B 330 -11.73 8.51 23.76
C GLY B 330 -11.02 8.95 22.48
N ALA B 331 -11.75 9.75 21.72
CA ALA B 331 -11.26 10.16 20.41
C ALA B 331 -9.93 10.91 20.53
N GLY B 332 -8.96 10.54 19.71
CA GLY B 332 -7.74 11.34 19.64
C GLY B 332 -8.06 12.80 19.42
N ALA B 333 -9.17 13.07 18.71
CA ALA B 333 -9.59 14.44 18.51
C ALA B 333 -9.80 15.18 19.83
N CYS B 334 -10.05 14.48 20.94
CA CYS B 334 -10.23 15.19 22.22
C CYS B 334 -9.03 16.08 22.55
N MET B 335 -7.82 15.59 22.30
CA MET B 335 -6.64 16.40 22.60
C MET B 335 -6.51 17.55 21.60
N GLY B 336 -6.94 17.34 20.37
CA GLY B 336 -6.86 18.43 19.41
C GLY B 336 -7.75 19.62 19.73
N VAL B 337 -8.84 19.37 20.48
CA VAL B 337 -9.72 20.48 20.86
C VAL B 337 -9.04 21.36 21.89
N GLU B 338 -8.34 20.73 22.85
CA GLU B 338 -7.49 21.49 23.76
C GLU B 338 -6.43 22.28 23.01
N ASP B 339 -5.80 21.68 22.00
CA ASP B 339 -4.85 22.38 21.17
C ASP B 339 -5.49 23.63 20.60
N ALA B 340 -6.68 23.47 20.00
CA ALA B 340 -7.35 24.56 19.33
C ALA B 340 -7.64 25.70 20.28
N LEU B 341 -8.06 25.37 21.48
CA LEU B 341 -8.39 26.40 22.46
C LEU B 341 -7.14 27.16 22.89
N VAL B 342 -6.04 26.46 23.14
CA VAL B 342 -4.81 27.16 23.55
C VAL B 342 -4.35 28.11 22.44
N LEU B 343 -4.37 27.65 21.18
CA LEU B 343 -3.94 28.51 20.08
C LEU B 343 -4.81 29.75 19.98
N ALA B 344 -6.12 29.57 20.05
CA ALA B 344 -7.04 30.70 19.95
C ALA B 344 -6.72 31.72 21.03
N GLU B 345 -6.52 31.25 22.26
CA GLU B 345 -6.23 32.17 23.36
C GLU B 345 -4.87 32.84 23.23
N LEU B 346 -3.86 32.15 22.72
CA LEU B 346 -2.54 32.78 22.58
C LEU B 346 -2.53 33.76 21.41
N LEU B 347 -3.20 33.41 20.31
CA LEU B 347 -3.21 34.28 19.13
C LEU B 347 -4.03 35.53 19.38
N GLU B 348 -4.98 35.46 20.31
CA GLU B 348 -5.68 36.66 20.76
C GLU B 348 -4.70 37.62 21.43
N LYS B 349 -3.95 37.14 22.42
CA LYS B 349 -2.88 37.96 23.01
C LYS B 349 -2.03 38.61 21.95
N VAL B 350 -1.57 37.84 20.96
CA VAL B 350 -0.71 38.39 19.92
C VAL B 350 -1.37 39.57 19.21
N GLN B 351 -2.62 39.41 18.81
CA GLN B 351 -3.26 40.46 18.05
C GLN B 351 -3.70 41.63 18.92
N ASN B 352 -3.88 41.43 20.22
CA ASN B 352 -4.40 42.49 21.09
C ASN B 352 -3.40 42.98 22.11
N LYS B 359 3.79 41.19 14.89
CA LYS B 359 5.17 41.12 15.34
C LYS B 359 5.69 39.69 15.24
N LYS B 360 6.72 39.48 14.41
CA LYS B 360 7.20 38.13 14.16
C LYS B 360 7.57 37.43 15.46
N SER B 361 8.30 38.13 16.32
CA SER B 361 8.72 37.47 17.56
C SER B 361 7.56 37.21 18.50
N ASN B 362 6.54 38.07 18.52
CA ASN B 362 5.36 37.75 19.31
C ASN B 362 4.70 36.46 18.81
N ILE B 363 4.60 36.31 17.50
CA ILE B 363 4.04 35.08 16.95
C ILE B 363 4.84 33.89 17.43
N GLU B 364 6.17 33.93 17.21
CA GLU B 364 7.04 32.81 17.56
C GLU B 364 6.92 32.48 19.04
N LEU B 365 6.83 33.50 19.88
CA LEU B 365 6.69 33.23 21.30
C LEU B 365 5.36 32.51 21.56
N ALA B 366 4.29 32.92 20.86
CA ALA B 366 2.99 32.32 21.11
C ALA B 366 3.00 30.85 20.73
N LEU B 367 3.50 30.54 19.53
CA LEU B 367 3.56 29.15 19.10
C LEU B 367 4.43 28.32 20.03
N LYS B 368 5.56 28.90 20.48
CA LYS B 368 6.44 28.18 21.39
C LYS B 368 5.73 27.94 22.72
N THR B 369 5.01 28.94 23.24
CA THR B 369 4.25 28.72 24.47
C THR B 369 3.21 27.62 24.28
N TYR B 370 2.49 27.64 23.16
CA TYR B 370 1.56 26.55 22.82
C TYR B 370 2.20 25.18 22.93
N SER B 371 3.36 25.01 22.27
CA SER B 371 4.04 23.72 22.29
C SER B 371 4.37 23.32 23.71
N ASP B 372 4.94 24.26 24.46
CA ASP B 372 5.35 24.00 25.84
C ASP B 372 4.19 23.61 26.73
N VAL B 373 3.01 24.24 26.58
CA VAL B 373 1.94 23.90 27.52
C VAL B 373 1.16 22.64 27.14
N ARG B 374 1.16 22.25 25.86
CA ARG B 374 0.36 21.14 25.36
C ARG B 374 1.10 19.79 25.27
N ILE B 375 2.44 19.77 25.20
CA ILE B 375 3.12 18.56 24.75
C ILE B 375 3.08 17.46 25.82
N GLU B 376 3.26 17.81 27.09
CA GLU B 376 3.31 16.78 28.14
C GLU B 376 1.98 16.03 28.22
N ARG B 377 0.89 16.75 28.42
CA ARG B 377 -0.41 16.09 28.57
C ARG B 377 -0.78 15.33 27.32
N SER B 378 -0.61 15.92 26.14
CA SER B 378 -1.10 15.23 24.97
C SER B 378 -0.23 14.01 24.64
N GLN B 379 1.09 14.08 24.85
CA GLN B 379 1.91 12.90 24.56
C GLN B 379 1.68 11.78 25.58
N TRP B 380 1.34 12.14 26.81
CA TRP B 380 0.97 11.13 27.80
C TRP B 380 -0.28 10.39 27.36
N LEU B 381 -1.27 11.12 26.81
CA LEU B 381 -2.48 10.49 26.31
C LEU B 381 -2.15 9.49 25.22
N VAL B 382 -1.26 9.87 24.30
CA VAL B 382 -0.85 8.94 23.26
C VAL B 382 -0.30 7.67 23.90
N LYS B 383 0.61 7.85 24.88
CA LYS B 383 1.21 6.71 25.53
C LYS B 383 0.16 5.87 26.25
N SER B 384 -0.64 6.50 27.09
CA SER B 384 -1.57 5.73 27.91
C SER B 384 -2.64 5.04 27.05
N SER B 385 -3.18 5.72 26.06
CA SER B 385 -4.22 5.06 25.25
C SER B 385 -3.69 3.81 24.57
N ARG B 386 -2.46 3.87 24.04
CA ARG B 386 -1.81 2.68 23.48
C ARG B 386 -1.76 1.56 24.51
N GLU B 387 -1.36 1.89 25.74
CA GLU B 387 -1.26 0.90 26.81
C GLU B 387 -2.62 0.32 27.19
N MET B 388 -3.67 1.14 27.18
CA MET B 388 -5.02 0.64 27.46
C MET B 388 -5.46 -0.39 26.42
N GLY B 389 -5.17 -0.13 25.15
CA GLY B 389 -5.46 -1.16 24.15
C GLY B 389 -4.82 -2.48 24.52
N ASP B 390 -3.58 -2.42 25.01
CA ASP B 390 -2.91 -3.65 25.40
C ASP B 390 -3.57 -4.26 26.65
N LEU B 391 -3.99 -3.43 27.60
CA LEU B 391 -4.68 -3.95 28.78
C LEU B 391 -5.92 -4.75 28.39
N TYR B 392 -6.77 -4.15 27.54
CA TYR B 392 -8.01 -4.82 27.13
C TYR B 392 -7.72 -6.11 26.41
N GLU B 393 -6.51 -6.27 25.88
CA GLU B 393 -6.19 -7.46 25.12
C GLU B 393 -5.17 -8.36 25.82
N TRP B 394 -4.97 -8.12 27.13
CA TRP B 394 -4.16 -9.03 27.96
C TRP B 394 -2.71 -9.13 27.47
N ARG B 395 -2.18 -7.99 27.05
CA ARG B 395 -0.79 -7.87 26.61
C ARG B 395 0.00 -6.85 27.43
N TYR B 396 -0.60 -6.21 28.43
CA TYR B 396 0.08 -5.14 29.16
C TYR B 396 0.86 -5.76 30.31
N GLU B 397 2.20 -5.86 30.11
CA GLU B 397 3.11 -6.37 31.12
C GLU B 397 2.66 -7.77 31.57
N ASP B 398 2.48 -7.90 32.88
CA ASP B 398 2.09 -9.18 33.47
C ASP B 398 0.64 -9.22 33.92
N ILE B 399 -0.06 -8.08 33.85
CA ILE B 399 -1.42 -8.00 34.37
C ILE B 399 -2.29 -9.02 33.68
N GLY B 400 -1.99 -9.36 32.42
CA GLY B 400 -2.87 -10.22 31.67
C GLY B 400 -4.33 -9.91 31.96
N GLY B 401 -5.11 -10.93 32.27
CA GLY B 401 -6.55 -10.76 32.42
C GLY B 401 -7.02 -10.62 33.85
N ASP B 402 -6.18 -10.07 34.71
CA ASP B 402 -6.53 -9.82 36.10
C ASP B 402 -7.44 -8.60 36.20
N GLY B 403 -8.72 -8.83 36.53
CA GLY B 403 -9.70 -7.75 36.49
C GLY B 403 -9.49 -6.65 37.51
N VAL B 404 -9.00 -6.99 38.69
CA VAL B 404 -8.75 -5.98 39.72
C VAL B 404 -7.66 -5.01 39.29
N LYS B 405 -6.59 -5.52 38.68
CA LYS B 405 -5.50 -4.66 38.26
C LYS B 405 -5.90 -3.82 37.05
N CYS B 406 -6.62 -4.39 36.09
N CYS B 406 -6.60 -4.42 36.10
CA CYS B 406 -7.06 -3.59 34.96
CA CYS B 406 -7.12 -3.66 34.97
C CYS B 406 -7.90 -2.41 35.44
C CYS B 406 -7.89 -2.45 35.45
N LYS B 407 -8.85 -2.67 36.36
CA LYS B 407 -9.69 -1.58 36.83
C LYS B 407 -8.87 -0.48 37.49
N ALA B 408 -7.84 -0.86 38.24
CA ALA B 408 -7.01 0.14 38.89
C ALA B 408 -6.29 1.00 37.85
N GLU B 409 -5.72 0.35 36.83
CA GLU B 409 -5.10 1.10 35.73
C GLU B 409 -6.11 2.04 35.08
N TRP B 410 -7.30 1.52 34.77
CA TRP B 410 -8.31 2.34 34.11
C TRP B 410 -8.61 3.58 34.94
N GLU B 411 -8.79 3.39 36.26
CA GLU B 411 -9.22 4.51 37.09
C GLU B 411 -8.11 5.55 37.20
N ARG B 412 -6.87 5.10 37.40
CA ARG B 412 -5.74 6.01 37.49
C ARG B 412 -5.61 6.84 36.22
N ARG B 413 -5.53 6.17 35.08
CA ARG B 413 -5.27 6.88 33.83
C ARG B 413 -6.46 7.78 33.46
N SER B 414 -7.67 7.25 33.61
CA SER B 414 -8.86 8.04 33.32
C SER B 414 -8.87 9.36 34.07
N ARG B 415 -8.54 9.33 35.37
CA ARG B 415 -8.65 10.54 36.17
C ARG B 415 -7.77 11.66 35.62
N VAL B 416 -6.58 11.30 35.12
CA VAL B 416 -5.69 12.27 34.51
C VAL B 416 -6.41 13.07 33.43
N ILE B 417 -7.27 12.40 32.66
CA ILE B 417 -7.96 13.06 31.57
C ILE B 417 -9.05 13.96 32.11
N TRP B 418 -10.00 13.38 32.87
CA TRP B 418 -11.25 14.08 33.20
C TRP B 418 -11.12 15.03 34.40
N ASP B 419 -10.17 14.81 35.30
CA ASP B 419 -10.03 15.67 36.48
C ASP B 419 -8.93 16.68 36.18
N PHE B 420 -9.30 17.72 35.44
CA PHE B 420 -8.35 18.62 34.79
C PHE B 420 -9.08 19.95 34.61
N ASP B 421 -8.41 21.03 35.01
CA ASP B 421 -8.98 22.37 35.04
C ASP B 421 -8.71 23.07 33.72
N VAL B 422 -9.77 23.23 32.91
CA VAL B 422 -9.61 23.84 31.59
C VAL B 422 -9.30 25.33 31.72
N GLN B 423 -9.90 25.99 32.70
CA GLN B 423 -9.61 27.41 32.94
C GLN B 423 -8.15 27.61 33.31
N GLY B 424 -7.62 26.74 34.18
CA GLY B 424 -6.22 26.89 34.54
C GLY B 424 -5.29 26.64 33.37
N MET B 425 -5.68 25.75 32.47
CA MET B 425 -4.92 25.60 31.23
C MET B 425 -4.83 26.93 30.48
N VAL B 426 -5.96 27.56 30.22
CA VAL B 426 -5.96 28.83 29.48
C VAL B 426 -5.11 29.86 30.20
N ASP B 427 -5.27 29.99 31.52
CA ASP B 427 -4.54 31.02 32.26
C ASP B 427 -3.05 30.74 32.27
N GLN B 428 -2.65 29.48 32.43
CA GLN B 428 -1.24 29.13 32.44
C GLN B 428 -0.58 29.50 31.10
N ALA B 429 -1.30 29.35 30.00
CA ALA B 429 -0.74 29.69 28.70
C ALA B 429 -0.63 31.19 28.53
N ARG B 430 -1.69 31.92 28.86
CA ARG B 430 -1.70 33.37 28.72
C ARG B 430 -0.63 34.02 29.59
N GLU B 431 -0.44 33.50 30.79
CA GLU B 431 0.55 34.03 31.73
C GLU B 431 1.98 33.72 31.27
N ALA B 432 2.24 32.50 30.81
CA ALA B 432 3.57 32.22 30.28
C ALA B 432 3.91 33.19 29.15
N TYR B 433 2.95 33.43 28.24
CA TYR B 433 3.18 34.36 27.15
C TYR B 433 3.46 35.77 27.66
N GLU B 434 2.63 36.25 28.60
CA GLU B 434 2.85 37.61 29.08
C GLU B 434 4.15 37.70 29.88
N ARG B 435 4.44 36.66 30.68
CA ARG B 435 5.69 36.62 31.44
C ARG B 435 6.91 36.76 30.53
N ALA B 436 6.78 36.49 29.22
CA ALA B 436 7.91 36.40 28.32
C ALA B 436 7.95 37.48 27.26
N VAL B 437 6.86 38.18 26.98
CA VAL B 437 6.92 39.26 25.98
C VAL B 437 7.85 40.39 26.42
#